data_3NG4
#
_entry.id   3NG4
#
_cell.length_a   87.128
_cell.length_b   100.784
_cell.length_c   161.850
_cell.angle_alpha   90.00
_cell.angle_beta   90.00
_cell.angle_gamma   90.00
#
_symmetry.space_group_name_H-M   'I 2 2 2'
#
loop_
_entity.id
_entity.type
_entity.pdbx_description
1 polymer 'Peptidoglycan recognition protein 1'
2 branched alpha-D-glucopyranose-(1-4)-alpha-D-glucopyranose
3 non-polymer 'S,R MESO-TARTARIC ACID'
4 non-polymer 2-acetamido-2-deoxy-beta-D-glucopyranose
5 non-polymer GLYCEROL
6 water water
#
_entity_poly.entity_id   1
_entity_poly.type   'polypeptide(L)'
_entity_poly.pdbx_seq_one_letter_code
;EDPPACGSIVPRREWRALASECRERLTRPVRYVVVSHTAGSHCDTPASCAQQAQNVQSYHVRNLGWCDVGYNFLIGEDGL
VYEGRGWNIKGAHAGPTWNPISIGISFMGNYMNRVPPPRALRAAQNLLACGVALGALRSNYEVKGHRDVQPTLSPGDRLY
EIIQTWSHYRA
;
_entity_poly.pdbx_strand_id   A,B,C,D
#
loop_
_chem_comp.id
_chem_comp.type
_chem_comp.name
_chem_comp.formula
GLC D-saccharide, alpha linking alpha-D-glucopyranose 'C6 H12 O6'
GOL non-polymer GLYCEROL 'C3 H8 O3'
NAG D-saccharide, beta linking 2-acetamido-2-deoxy-beta-D-glucopyranose 'C8 H15 N O6'
SRT non-polymer 'S,R MESO-TARTARIC ACID' 'C4 H6 O6'
#
# COMPACT_ATOMS: atom_id res chain seq x y z
N GLU A 1 -5.93 -15.26 -13.73
CA GLU A 1 -4.46 -15.04 -13.50
C GLU A 1 -3.96 -15.90 -12.30
N ASP A 2 -4.51 -15.58 -11.11
CA ASP A 2 -4.30 -16.29 -9.82
C ASP A 2 -5.74 -16.54 -9.27
N PRO A 3 -6.08 -17.84 -8.90
CA PRO A 3 -7.52 -18.08 -8.50
C PRO A 3 -8.10 -17.76 -7.04
N PRO A 4 -7.37 -16.98 -6.17
CA PRO A 4 -7.73 -17.00 -4.73
C PRO A 4 -9.05 -16.27 -4.36
N ALA A 5 -9.85 -16.98 -3.54
CA ALA A 5 -11.03 -16.37 -2.91
C ALA A 5 -10.53 -15.21 -2.02
N CYS A 6 -11.39 -14.19 -1.82
CA CYS A 6 -10.98 -12.97 -1.12
C CYS A 6 -12.15 -12.05 -0.84
N GLY A 7 -12.34 -11.73 0.41
CA GLY A 7 -13.41 -10.88 0.77
C GLY A 7 -14.70 -11.64 0.72
N SER A 8 -15.77 -10.92 0.86
CA SER A 8 -17.09 -11.47 0.86
C SER A 8 -17.83 -10.41 0.15
N ILE A 9 -18.44 -10.75 -0.93
CA ILE A 9 -19.22 -9.77 -1.61
C ILE A 9 -20.65 -10.23 -1.82
N VAL A 10 -21.59 -9.32 -1.61
CA VAL A 10 -22.96 -9.67 -1.80
C VAL A 10 -23.13 -9.62 -3.32
N PRO A 11 -23.38 -10.76 -3.92
CA PRO A 11 -23.52 -10.72 -5.38
C PRO A 11 -24.81 -10.06 -5.84
N ARG A 12 -24.73 -9.50 -7.04
CA ARG A 12 -25.84 -8.79 -7.64
C ARG A 12 -27.14 -9.51 -7.47
N ARG A 13 -27.18 -10.81 -7.78
CA ARG A 13 -28.48 -11.54 -7.68
C ARG A 13 -29.05 -11.53 -6.29
N GLU A 14 -28.19 -11.47 -5.30
CA GLU A 14 -28.62 -11.59 -3.94
C GLU A 14 -29.28 -10.31 -3.49
N TRP A 15 -28.88 -9.16 -4.00
CA TRP A 15 -29.54 -7.91 -3.65
C TRP A 15 -30.58 -7.57 -4.68
N ARG A 16 -30.82 -8.55 -5.54
CA ARG A 16 -31.87 -8.51 -6.60
C ARG A 16 -31.63 -7.39 -7.62
N ALA A 17 -30.39 -7.31 -8.10
CA ALA A 17 -30.01 -6.24 -9.00
C ALA A 17 -30.67 -6.53 -10.34
N LEU A 18 -31.12 -5.48 -11.01
CA LEU A 18 -31.52 -5.59 -12.39
C LEU A 18 -30.28 -5.97 -13.12
N ALA A 19 -30.42 -6.74 -14.19
CA ALA A 19 -29.28 -7.12 -15.03
C ALA A 19 -28.54 -5.90 -15.60
N SER A 20 -27.22 -6.02 -15.73
CA SER A 20 -26.38 -4.94 -16.24
C SER A 20 -26.34 -4.90 -17.75
N GLU A 21 -26.38 -3.69 -18.29
CA GLU A 21 -26.27 -3.48 -19.76
C GLU A 21 -24.90 -2.94 -20.09
N CYS A 22 -24.02 -2.82 -19.09
CA CYS A 22 -22.76 -2.18 -19.28
C CYS A 22 -21.82 -3.13 -20.06
N ARG A 23 -21.02 -2.58 -20.98
CA ARG A 23 -20.10 -3.41 -21.77
C ARG A 23 -18.65 -2.89 -21.80
N GLU A 24 -18.48 -1.60 -21.53
CA GLU A 24 -17.19 -0.98 -21.55
C GLU A 24 -16.37 -1.44 -20.36
N ARG A 25 -15.27 -2.11 -20.67
CA ARG A 25 -14.34 -2.60 -19.64
C ARG A 25 -13.31 -1.57 -19.19
N LEU A 26 -12.81 -1.78 -17.96
CA LEU A 26 -11.72 -1.04 -17.40
C LEU A 26 -10.45 -1.78 -17.81
N THR A 27 -9.34 -1.07 -17.90
CA THR A 27 -8.05 -1.75 -18.23
C THR A 27 -7.25 -2.11 -16.98
N ARG A 28 -7.01 -3.42 -16.77
CA ARG A 28 -6.38 -3.96 -15.58
C ARG A 28 -4.87 -3.81 -15.68
N PRO A 29 -4.21 -3.46 -14.57
CA PRO A 29 -4.75 -3.11 -13.29
C PRO A 29 -5.13 -1.63 -13.18
N VAL A 30 -6.18 -1.37 -12.43
CA VAL A 30 -6.70 -0.03 -12.27
C VAL A 30 -5.86 0.67 -11.19
N ARG A 31 -5.43 1.89 -11.48
CA ARG A 31 -4.64 2.67 -10.56
C ARG A 31 -5.36 3.39 -9.46
N TYR A 32 -6.59 3.82 -9.74
CA TYR A 32 -7.29 4.69 -8.75
C TYR A 32 -8.55 4.12 -8.20
N VAL A 33 -8.81 4.48 -6.94
CA VAL A 33 -10.08 4.20 -6.29
C VAL A 33 -10.68 5.53 -5.80
N VAL A 34 -11.91 5.83 -6.24
CA VAL A 34 -12.56 7.03 -5.75
C VAL A 34 -13.65 6.64 -4.79
N VAL A 35 -13.57 7.20 -3.57
CA VAL A 35 -14.57 6.88 -2.56
C VAL A 35 -15.59 8.00 -2.51
N SER A 36 -16.87 7.64 -2.64
CA SER A 36 -17.94 8.61 -2.52
C SER A 36 -18.93 8.14 -1.44
N HIS A 37 -19.93 8.93 -1.19
CA HIS A 37 -21.09 8.49 -0.38
C HIS A 37 -22.25 8.65 -1.35
N THR A 38 -23.29 7.86 -1.19
CA THR A 38 -24.46 7.95 -2.05
C THR A 38 -25.23 9.21 -1.70
N ALA A 39 -25.05 9.70 -0.49
CA ALA A 39 -25.82 10.86 0.03
C ALA A 39 -27.28 10.42 0.12
N GLY A 40 -27.48 9.10 0.21
CA GLY A 40 -28.80 8.51 0.33
C GLY A 40 -29.00 7.98 1.73
N SER A 41 -30.09 7.26 1.92
CA SER A 41 -30.36 6.64 3.23
C SER A 41 -29.30 5.62 3.53
N HIS A 42 -29.07 5.39 4.83
CA HIS A 42 -28.12 4.36 5.19
C HIS A 42 -28.94 3.14 5.61
N CYS A 43 -28.24 2.03 5.92
CA CYS A 43 -28.99 0.82 6.26
C CYS A 43 -28.03 0.04 7.13
N ASP A 44 -28.55 -0.75 8.08
CA ASP A 44 -27.57 -1.43 8.95
C ASP A 44 -27.85 -2.92 9.13
N THR A 45 -28.60 -3.50 8.22
CA THR A 45 -28.89 -4.94 8.24
C THR A 45 -28.78 -5.43 6.85
N PRO A 46 -28.43 -6.70 6.64
CA PRO A 46 -28.31 -7.21 5.29
C PRO A 46 -29.56 -7.04 4.48
N ALA A 47 -30.69 -7.21 5.14
CA ALA A 47 -31.98 -7.06 4.41
C ALA A 47 -32.17 -5.59 3.98
N SER A 48 -31.92 -4.65 4.88
CA SER A 48 -32.16 -3.23 4.58
C SER A 48 -31.14 -2.72 3.57
N CYS A 49 -29.94 -3.26 3.63
CA CYS A 49 -28.89 -2.83 2.72
C CYS A 49 -29.00 -3.40 1.36
N ALA A 50 -29.59 -4.60 1.26
CA ALA A 50 -29.81 -5.16 -0.07
C ALA A 50 -30.83 -4.28 -0.74
N GLN A 51 -31.81 -3.85 0.06
CA GLN A 51 -32.89 -2.98 -0.48
C GLN A 51 -32.32 -1.67 -0.91
N GLN A 52 -31.45 -1.09 -0.07
CA GLN A 52 -30.79 0.19 -0.46
C GLN A 52 -29.97 0.08 -1.75
N ALA A 53 -29.23 -1.02 -1.91
CA ALA A 53 -28.46 -1.19 -3.12
C ALA A 53 -29.43 -1.21 -4.35
N GLN A 54 -30.50 -1.93 -4.19
CA GLN A 54 -31.50 -2.00 -5.28
C GLN A 54 -32.05 -0.60 -5.53
N ASN A 55 -32.29 0.18 -4.48
CA ASN A 55 -32.85 1.57 -4.66
C ASN A 55 -31.85 2.46 -5.40
N VAL A 56 -30.57 2.42 -4.97
CA VAL A 56 -29.60 3.24 -5.67
C VAL A 56 -29.52 2.81 -7.15
N GLN A 57 -29.46 1.51 -7.42
CA GLN A 57 -29.35 1.06 -8.79
C GLN A 57 -30.60 1.50 -9.57
N SER A 58 -31.74 1.35 -8.94
CA SER A 58 -33.02 1.75 -9.57
C SER A 58 -32.94 3.19 -9.99
N TYR A 59 -32.44 4.06 -9.10
CA TYR A 59 -32.30 5.45 -9.47
C TYR A 59 -31.38 5.64 -10.67
N HIS A 60 -30.19 5.07 -10.58
CA HIS A 60 -29.23 5.22 -11.64
C HIS A 60 -29.72 4.67 -12.98
N VAL A 61 -30.36 3.51 -12.95
CA VAL A 61 -30.73 2.85 -14.19
C VAL A 61 -32.06 3.45 -14.74
N ARG A 62 -33.09 3.44 -13.92
CA ARG A 62 -34.42 3.92 -14.33
C ARG A 62 -34.50 5.43 -14.53
N ASN A 63 -33.83 6.19 -13.66
CA ASN A 63 -33.94 7.66 -13.71
C ASN A 63 -32.82 8.33 -14.46
N LEU A 64 -31.60 7.92 -14.18
CA LEU A 64 -30.45 8.48 -14.89
C LEU A 64 -30.18 7.85 -16.27
N GLY A 65 -30.81 6.71 -16.53
CA GLY A 65 -30.61 6.04 -17.79
C GLY A 65 -29.29 5.33 -18.00
N TRP A 66 -28.56 5.07 -16.92
CA TRP A 66 -27.27 4.40 -17.02
C TRP A 66 -27.41 2.91 -17.24
N CYS A 67 -26.36 2.24 -17.70
CA CYS A 67 -26.41 0.81 -17.95
C CYS A 67 -26.41 -0.06 -16.70
N ASP A 68 -26.12 0.55 -15.54
CA ASP A 68 -26.07 -0.18 -14.25
C ASP A 68 -25.96 0.81 -13.14
N VAL A 69 -26.06 0.35 -11.89
CA VAL A 69 -25.70 1.22 -10.76
C VAL A 69 -24.35 1.81 -11.14
N GLY A 70 -24.14 3.07 -10.82
CA GLY A 70 -22.93 3.75 -11.24
C GLY A 70 -21.62 3.31 -10.56
N TYR A 71 -21.76 2.75 -9.36
CA TYR A 71 -20.56 2.39 -8.56
C TYR A 71 -20.15 0.97 -8.87
N ASN A 72 -18.84 0.72 -8.73
CA ASN A 72 -18.31 -0.63 -8.89
C ASN A 72 -18.67 -1.50 -7.69
N PHE A 73 -18.75 -0.86 -6.51
CA PHE A 73 -19.12 -1.53 -5.27
C PHE A 73 -19.76 -0.54 -4.35
N LEU A 74 -20.67 -1.02 -3.49
CA LEU A 74 -21.35 -0.19 -2.55
C LEU A 74 -21.02 -0.78 -1.20
N ILE A 75 -20.93 0.07 -0.21
CA ILE A 75 -20.63 -0.42 1.13
C ILE A 75 -21.76 -0.12 2.06
N GLY A 76 -22.25 -1.12 2.77
CA GLY A 76 -23.37 -0.91 3.71
C GLY A 76 -22.93 -0.76 5.13
N GLU A 77 -23.73 -0.03 5.93
CA GLU A 77 -23.43 0.05 7.35
C GLU A 77 -23.67 -1.31 8.06
N ASP A 78 -24.09 -2.29 7.29
CA ASP A 78 -24.28 -3.62 7.81
C ASP A 78 -22.90 -4.32 7.81
N GLY A 79 -21.89 -3.60 7.28
CA GLY A 79 -20.58 -4.13 7.17
C GLY A 79 -20.36 -5.06 5.96
N LEU A 80 -21.29 -5.03 5.02
CA LEU A 80 -21.20 -5.83 3.81
C LEU A 80 -20.93 -5.02 2.56
N VAL A 81 -20.24 -5.64 1.63
CA VAL A 81 -19.94 -5.01 0.33
C VAL A 81 -20.93 -5.56 -0.66
N TYR A 82 -21.55 -4.64 -1.40
CA TYR A 82 -22.49 -5.00 -2.45
C TYR A 82 -21.84 -4.87 -3.85
N GLU A 83 -21.95 -5.94 -4.63
CA GLU A 83 -21.36 -5.93 -5.96
C GLU A 83 -22.13 -4.91 -6.84
N GLY A 84 -21.38 -3.99 -7.44
CA GLY A 84 -21.95 -3.03 -8.38
C GLY A 84 -21.53 -3.46 -9.76
N ARG A 85 -20.84 -2.59 -10.51
CA ARG A 85 -20.37 -3.00 -11.81
C ARG A 85 -19.21 -3.97 -11.70
N GLY A 86 -18.57 -4.03 -10.52
CA GLY A 86 -17.51 -5.03 -10.31
C GLY A 86 -16.15 -4.49 -10.76
N TRP A 87 -15.15 -5.34 -10.70
CA TRP A 87 -13.77 -4.94 -10.92
C TRP A 87 -13.45 -4.64 -12.40
N ASN A 88 -14.23 -5.20 -13.31
CA ASN A 88 -13.84 -5.18 -14.73
C ASN A 88 -14.63 -4.21 -15.60
N ILE A 89 -15.67 -3.58 -15.05
CA ILE A 89 -16.54 -2.69 -15.86
C ILE A 89 -16.39 -1.25 -15.45
N LYS A 90 -16.22 -0.36 -16.44
CA LYS A 90 -16.08 1.05 -16.18
C LYS A 90 -17.37 1.54 -15.52
N GLY A 91 -17.25 2.29 -14.41
CA GLY A 91 -18.44 2.81 -13.72
C GLY A 91 -18.84 4.25 -14.10
N ALA A 92 -19.80 4.78 -13.39
CA ALA A 92 -20.27 6.19 -13.56
C ALA A 92 -20.38 6.88 -12.25
N HIS A 93 -19.28 7.36 -11.72
CA HIS A 93 -19.31 7.84 -10.38
C HIS A 93 -18.42 9.01 -10.17
N ALA A 94 -17.52 9.29 -11.13
CA ALA A 94 -16.60 10.40 -10.87
C ALA A 94 -16.31 11.32 -12.06
N GLY A 95 -17.21 11.31 -13.02
CA GLY A 95 -17.03 12.23 -14.19
C GLY A 95 -16.20 11.52 -15.25
N PRO A 96 -16.13 12.11 -16.48
CA PRO A 96 -15.44 11.55 -17.64
C PRO A 96 -13.89 11.42 -17.56
N THR A 97 -13.24 12.24 -16.74
CA THR A 97 -11.79 12.14 -16.56
C THR A 97 -11.47 10.87 -15.73
N TRP A 98 -12.28 10.67 -14.71
CA TRP A 98 -11.93 9.63 -13.68
C TRP A 98 -12.64 8.30 -13.87
N ASN A 99 -13.86 8.31 -14.40
CA ASN A 99 -14.55 7.03 -14.64
C ASN A 99 -13.69 5.97 -15.35
N PRO A 100 -13.03 6.32 -16.46
CA PRO A 100 -12.32 5.28 -17.16
C PRO A 100 -11.05 4.73 -16.53
N ILE A 101 -10.55 5.35 -15.47
CA ILE A 101 -9.28 5.03 -14.88
C ILE A 101 -9.39 4.66 -13.39
N SER A 102 -10.59 4.39 -12.93
CA SER A 102 -10.79 4.11 -11.50
C SER A 102 -11.85 3.10 -11.18
N ILE A 103 -11.87 2.69 -9.90
CA ILE A 103 -12.93 1.88 -9.37
C ILE A 103 -13.65 2.82 -8.42
N GLY A 104 -14.97 2.89 -8.52
CA GLY A 104 -15.73 3.80 -7.61
C GLY A 104 -16.40 2.91 -6.54
N ILE A 105 -16.08 3.18 -5.29
CA ILE A 105 -16.82 2.49 -4.19
C ILE A 105 -17.58 3.56 -3.46
N SER A 106 -18.84 3.27 -3.14
CA SER A 106 -19.69 4.28 -2.46
C SER A 106 -20.26 3.71 -1.20
N PHE A 107 -20.18 4.49 -0.15
CA PHE A 107 -20.77 4.11 1.16
C PHE A 107 -22.20 4.58 1.07
N MET A 108 -23.13 3.68 1.30
CA MET A 108 -24.54 4.01 1.25
C MET A 108 -24.96 4.83 2.46
N GLY A 109 -25.07 6.13 2.29
CA GLY A 109 -25.39 7.01 3.40
C GLY A 109 -24.94 8.43 3.10
N ASN A 110 -25.14 9.32 4.05
CA ASN A 110 -24.69 10.67 3.92
C ASN A 110 -23.74 10.88 5.10
N TYR A 111 -22.46 11.04 4.81
CA TYR A 111 -21.46 11.14 5.86
C TYR A 111 -20.95 12.57 6.14
N MET A 112 -21.83 13.55 5.97
CA MET A 112 -21.42 14.91 6.29
C MET A 112 -21.27 15.10 7.79
N ASN A 113 -22.21 14.56 8.55
CA ASN A 113 -22.22 14.73 9.98
C ASN A 113 -22.21 13.40 10.73
N ARG A 114 -21.88 12.32 10.02
CA ARG A 114 -21.89 10.96 10.63
C ARG A 114 -20.76 10.25 10.00
N VAL A 115 -20.21 9.21 10.67
CA VAL A 115 -19.24 8.36 10.02
C VAL A 115 -19.81 7.00 9.85
N PRO A 116 -19.35 6.23 8.84
CA PRO A 116 -19.80 4.87 8.72
C PRO A 116 -19.18 4.16 9.89
N PRO A 117 -19.78 3.07 10.33
CA PRO A 117 -19.28 2.40 11.53
C PRO A 117 -18.00 1.66 11.10
N PRO A 118 -17.18 1.25 12.05
CA PRO A 118 -15.96 0.51 11.76
C PRO A 118 -16.16 -0.65 10.83
N ARG A 119 -17.30 -1.36 10.95
CA ARG A 119 -17.50 -2.50 10.09
C ARG A 119 -17.62 -2.11 8.61
N ALA A 120 -18.18 -0.91 8.34
CA ALA A 120 -18.27 -0.50 6.90
C ALA A 120 -16.85 -0.15 6.42
N LEU A 121 -16.09 0.54 7.26
CA LEU A 121 -14.73 0.93 6.91
C LEU A 121 -13.84 -0.32 6.64
N ARG A 122 -13.95 -1.31 7.52
CA ARG A 122 -13.22 -2.56 7.32
C ARG A 122 -13.54 -3.23 6.03
N ALA A 123 -14.84 -3.30 5.70
CA ALA A 123 -15.30 -3.98 4.51
C ALA A 123 -14.70 -3.32 3.28
N ALA A 124 -14.72 -1.99 3.30
CA ALA A 124 -14.16 -1.21 2.17
C ALA A 124 -12.70 -1.46 1.95
N GLN A 125 -11.93 -1.33 2.99
CA GLN A 125 -10.47 -1.51 2.89
C GLN A 125 -10.11 -2.96 2.56
N ASN A 126 -10.87 -3.90 3.10
CA ASN A 126 -10.64 -5.32 2.76
C ASN A 126 -10.97 -5.58 1.31
N LEU A 127 -11.98 -4.88 0.80
CA LEU A 127 -12.37 -5.08 -0.58
C LEU A 127 -11.19 -4.63 -1.48
N LEU A 128 -10.59 -3.53 -1.12
CA LEU A 128 -9.47 -2.97 -1.91
C LEU A 128 -8.30 -3.95 -1.86
N ALA A 129 -8.00 -4.48 -0.68
CA ALA A 129 -6.95 -5.50 -0.59
C ALA A 129 -7.21 -6.64 -1.53
N CYS A 130 -8.49 -7.06 -1.64
CA CYS A 130 -8.87 -8.14 -2.52
C CYS A 130 -8.68 -7.77 -3.95
N GLY A 131 -8.98 -6.52 -4.25
CA GLY A 131 -8.79 -6.05 -5.62
C GLY A 131 -7.35 -6.18 -6.03
N VAL A 132 -6.43 -5.84 -5.14
CA VAL A 132 -5.00 -5.99 -5.42
C VAL A 132 -4.62 -7.50 -5.70
N ALA A 133 -5.09 -8.39 -4.85
CA ALA A 133 -4.72 -9.79 -5.01
C ALA A 133 -5.28 -10.37 -6.31
N LEU A 134 -6.40 -9.86 -6.77
CA LEU A 134 -7.00 -10.29 -7.98
C LEU A 134 -6.31 -9.72 -9.20
N GLY A 135 -5.50 -8.69 -8.99
CA GLY A 135 -4.88 -7.97 -10.10
C GLY A 135 -5.79 -6.96 -10.73
N ALA A 136 -6.95 -6.74 -10.10
CA ALA A 136 -7.86 -5.69 -10.54
C ALA A 136 -7.33 -4.31 -10.29
N LEU A 137 -6.71 -4.13 -9.13
CA LEU A 137 -6.13 -2.90 -8.71
C LEU A 137 -4.64 -3.02 -8.71
N ARG A 138 -3.95 -1.92 -8.98
CA ARG A 138 -2.51 -1.89 -8.84
C ARG A 138 -2.11 -2.14 -7.41
N SER A 139 -0.97 -2.79 -7.20
CA SER A 139 -0.47 -2.96 -5.84
C SER A 139 -0.26 -1.61 -5.21
N ASN A 140 0.10 -0.62 -6.04
CA ASN A 140 0.26 0.74 -5.51
C ASN A 140 -0.90 1.69 -5.89
N TYR A 141 -2.14 1.20 -5.81
CA TYR A 141 -3.28 2.02 -6.12
C TYR A 141 -3.34 3.19 -5.16
N GLU A 142 -4.05 4.22 -5.56
CA GLU A 142 -4.21 5.42 -4.76
C GLU A 142 -5.70 5.63 -4.55
N VAL A 143 -6.04 5.98 -3.32
CA VAL A 143 -7.45 6.18 -3.00
C VAL A 143 -7.69 7.70 -2.95
N LYS A 144 -8.73 8.17 -3.63
CA LYS A 144 -9.08 9.59 -3.52
C LYS A 144 -10.46 9.70 -3.00
N GLY A 145 -10.78 10.84 -2.38
CA GLY A 145 -12.14 11.12 -2.07
C GLY A 145 -12.80 11.65 -3.32
N HIS A 146 -14.08 11.42 -3.45
CA HIS A 146 -14.84 11.94 -4.60
C HIS A 146 -14.52 13.45 -4.74
N ARG A 147 -14.51 14.16 -3.61
CA ARG A 147 -14.28 15.66 -3.66
C ARG A 147 -12.88 16.01 -4.14
N ASP A 148 -11.99 15.03 -4.22
CA ASP A 148 -10.61 15.29 -4.71
C ASP A 148 -10.59 15.38 -6.25
N VAL A 149 -11.62 14.85 -6.92
CA VAL A 149 -11.67 14.80 -8.35
C VAL A 149 -12.90 15.52 -8.96
N GLN A 150 -13.84 15.96 -8.13
CA GLN A 150 -15.03 16.73 -8.57
C GLN A 150 -15.48 17.62 -7.45
N PRO A 151 -16.08 18.81 -7.76
CA PRO A 151 -16.56 19.66 -6.67
C PRO A 151 -17.80 19.03 -6.08
N THR A 152 -17.67 18.47 -4.87
CA THR A 152 -18.78 17.80 -4.25
C THR A 152 -18.53 17.68 -2.79
N LEU A 153 -19.60 17.55 -1.98
CA LEU A 153 -19.43 17.29 -0.58
C LEU A 153 -18.97 15.82 -0.41
N SER A 154 -19.30 14.99 -1.38
CA SER A 154 -19.03 13.56 -1.30
C SER A 154 -17.56 13.35 -1.07
N PRO A 155 -17.14 12.38 -0.25
CA PRO A 155 -17.97 11.37 0.43
C PRO A 155 -18.52 11.83 1.79
N GLY A 156 -18.70 13.14 1.96
CA GLY A 156 -19.12 13.70 3.23
C GLY A 156 -17.92 14.03 4.08
N ASP A 157 -18.00 15.14 4.80
CA ASP A 157 -16.88 15.60 5.54
C ASP A 157 -16.34 14.57 6.51
N ARG A 158 -17.22 13.93 7.27
CA ARG A 158 -16.78 12.94 8.27
C ARG A 158 -16.05 11.73 7.70
N LEU A 159 -16.59 11.20 6.60
CA LEU A 159 -16.01 10.08 5.92
C LEU A 159 -14.71 10.44 5.20
N TYR A 160 -14.70 11.62 4.67
CA TYR A 160 -13.51 12.06 3.93
C TYR A 160 -12.31 12.12 4.89
N GLU A 161 -12.53 12.62 6.07
CA GLU A 161 -11.46 12.83 7.05
C GLU A 161 -10.87 11.46 7.41
N ILE A 162 -11.73 10.44 7.42
CA ILE A 162 -11.28 9.09 7.71
C ILE A 162 -10.44 8.55 6.53
N ILE A 163 -10.94 8.65 5.30
CA ILE A 163 -10.21 8.02 4.21
C ILE A 163 -8.87 8.73 4.04
N GLN A 164 -8.80 9.99 4.48
CA GLN A 164 -7.52 10.74 4.41
C GLN A 164 -6.43 10.00 5.17
N THR A 165 -6.82 9.18 6.16
CA THR A 165 -5.85 8.42 6.96
C THR A 165 -5.54 7.06 6.39
N TRP A 166 -6.24 6.67 5.33
CA TRP A 166 -5.93 5.37 4.74
C TRP A 166 -4.55 5.30 4.12
N SER A 167 -3.97 4.13 4.24
CA SER A 167 -2.63 3.84 3.66
C SER A 167 -2.42 4.37 2.25
N HIS A 168 -3.34 4.03 1.35
CA HIS A 168 -3.21 4.37 -0.09
C HIS A 168 -3.81 5.72 -0.45
N TYR A 169 -4.19 6.52 0.55
CA TYR A 169 -4.80 7.85 0.22
C TYR A 169 -3.74 8.78 -0.32
N ARG A 170 -4.03 9.39 -1.47
CA ARG A 170 -3.24 10.45 -2.12
C ARG A 170 -4.25 11.41 -2.65
N ALA A 171 -4.32 12.61 -2.09
CA ALA A 171 -5.25 13.63 -2.62
C ALA A 171 -5.01 13.81 -4.13
N GLU B 1 -2.23 -1.12 13.27
CA GLU B 1 -2.46 0.36 13.34
C GLU B 1 -2.33 0.99 11.95
N ASP B 2 -2.35 0.14 10.92
CA ASP B 2 -2.35 0.61 9.53
C ASP B 2 -3.70 0.16 8.92
N PRO B 3 -3.72 -0.44 7.70
CA PRO B 3 -5.01 -0.96 7.27
C PRO B 3 -5.49 -2.14 8.12
N PRO B 4 -6.81 -2.28 8.32
CA PRO B 4 -7.36 -3.32 9.19
C PRO B 4 -7.02 -4.73 8.70
N ALA B 5 -7.00 -5.68 9.64
CA ALA B 5 -6.73 -7.09 9.32
C ALA B 5 -7.78 -7.65 8.38
N CYS B 6 -7.37 -8.58 7.52
CA CYS B 6 -8.25 -9.18 6.52
C CYS B 6 -9.42 -9.96 7.13
N GLY B 7 -10.40 -10.28 6.30
CA GLY B 7 -11.55 -11.08 6.72
C GLY B 7 -12.75 -10.29 7.22
N SER B 8 -12.59 -8.97 7.35
CA SER B 8 -13.61 -8.07 7.87
C SER B 8 -14.15 -8.54 9.23
N ILE B 9 -13.23 -8.95 10.09
CA ILE B 9 -13.56 -9.52 11.39
C ILE B 9 -13.95 -8.42 12.38
N VAL B 10 -15.08 -8.67 13.13
CA VAL B 10 -15.57 -7.74 14.12
C VAL B 10 -14.65 -7.97 15.34
N PRO B 11 -13.84 -6.94 15.72
CA PRO B 11 -12.94 -7.14 16.83
C PRO B 11 -13.65 -7.39 18.17
N ARG B 12 -12.98 -8.06 19.07
CA ARG B 12 -13.56 -8.44 20.33
C ARG B 12 -14.16 -7.25 21.05
N ARG B 13 -13.45 -6.17 21.08
CA ARG B 13 -13.96 -5.03 21.78
C ARG B 13 -15.22 -4.50 21.18
N GLU B 14 -15.33 -4.62 19.87
CA GLU B 14 -16.53 -4.16 19.18
C GLU B 14 -17.78 -4.91 19.58
N TRP B 15 -17.69 -6.23 19.84
CA TRP B 15 -18.85 -6.95 20.37
C TRP B 15 -18.89 -7.01 21.89
N ARG B 16 -18.07 -6.18 22.52
CA ARG B 16 -18.05 -6.00 23.99
C ARG B 16 -17.64 -7.23 24.73
N ALA B 17 -16.66 -7.94 24.17
CA ALA B 17 -16.15 -9.14 24.77
C ALA B 17 -15.54 -8.87 26.15
N LEU B 18 -15.70 -9.84 27.06
CA LEU B 18 -14.97 -9.84 28.29
C LEU B 18 -13.54 -10.07 27.89
N ALA B 19 -12.58 -9.50 28.64
CA ALA B 19 -11.18 -9.71 28.31
C ALA B 19 -10.83 -11.21 28.40
N SER B 20 -9.98 -11.68 27.52
CA SER B 20 -9.54 -13.06 27.56
C SER B 20 -8.43 -13.27 28.57
N GLU B 21 -8.36 -14.47 29.12
CA GLU B 21 -7.29 -14.89 30.00
C GLU B 21 -6.53 -16.01 29.37
N CYS B 22 -6.85 -16.33 28.13
CA CYS B 22 -6.16 -17.43 27.45
C CYS B 22 -4.72 -17.07 27.10
N ARG B 23 -3.81 -18.06 27.14
CA ARG B 23 -2.39 -17.83 26.92
C ARG B 23 -1.77 -18.81 25.90
N GLU B 24 -2.33 -19.99 25.75
CA GLU B 24 -1.70 -21.02 24.91
C GLU B 24 -1.71 -20.61 23.45
N ARG B 25 -0.54 -20.63 22.84
CA ARG B 25 -0.41 -20.18 21.48
C ARG B 25 -0.43 -21.36 20.55
N LEU B 26 -1.01 -21.13 19.37
CA LEU B 26 -1.03 -22.11 18.29
C LEU B 26 0.27 -22.00 17.52
N THR B 27 0.68 -23.10 16.91
CA THR B 27 1.88 -23.10 16.06
C THR B 27 1.43 -22.93 14.63
N ARG B 28 1.78 -21.78 14.05
CA ARG B 28 1.40 -21.51 12.68
C ARG B 28 2.49 -22.06 11.72
N PRO B 29 2.12 -22.41 10.48
CA PRO B 29 0.81 -22.34 9.89
C PRO B 29 -0.02 -23.54 10.35
N VAL B 30 -1.18 -23.24 10.90
CA VAL B 30 -2.07 -24.24 11.38
C VAL B 30 -2.61 -25.06 10.22
N ARG B 31 -2.67 -26.36 10.42
CA ARG B 31 -3.09 -27.28 9.34
C ARG B 31 -4.58 -27.43 9.19
N TYR B 32 -5.32 -27.44 10.32
CA TYR B 32 -6.77 -27.71 10.24
C TYR B 32 -7.72 -26.58 10.66
N VAL B 33 -8.94 -26.69 10.14
CA VAL B 33 -10.02 -25.76 10.47
C VAL B 33 -11.17 -26.71 10.85
N VAL B 34 -11.75 -26.51 12.01
CA VAL B 34 -12.87 -27.36 12.45
C VAL B 34 -14.09 -26.46 12.51
N VAL B 35 -15.13 -26.87 11.76
CA VAL B 35 -16.35 -26.12 11.68
C VAL B 35 -17.38 -26.67 12.62
N SER B 36 -17.91 -25.81 13.51
CA SER B 36 -18.94 -26.23 14.45
C SER B 36 -20.11 -25.30 14.36
N HIS B 37 -21.22 -25.67 14.99
CA HIS B 37 -22.29 -24.71 15.24
C HIS B 37 -22.39 -24.46 16.71
N THR B 38 -22.90 -23.35 17.11
CA THR B 38 -22.97 -23.12 18.53
C THR B 38 -24.11 -23.91 19.14
N ALA B 39 -25.05 -24.29 18.30
CA ALA B 39 -26.33 -24.92 18.70
C ALA B 39 -27.13 -23.95 19.60
N GLY B 40 -26.89 -22.65 19.43
CA GLY B 40 -27.58 -21.62 20.25
C GLY B 40 -28.46 -20.80 19.34
N SER B 41 -28.92 -19.64 19.81
CA SER B 41 -29.74 -18.77 19.00
C SER B 41 -28.97 -18.24 17.81
N HIS B 42 -29.66 -18.04 16.70
CA HIS B 42 -28.99 -17.36 15.59
C HIS B 42 -29.30 -15.83 15.66
N CYS B 43 -28.71 -15.07 14.74
CA CYS B 43 -28.89 -13.60 14.73
C CYS B 43 -28.63 -13.18 13.31
N ASP B 44 -29.26 -12.06 12.86
CA ASP B 44 -29.06 -11.70 11.50
C ASP B 44 -28.84 -10.20 11.28
N THR B 45 -28.35 -9.52 12.30
CA THR B 45 -27.95 -8.12 12.17
C THR B 45 -26.68 -7.94 12.97
N PRO B 46 -25.85 -6.94 12.60
CA PRO B 46 -24.66 -6.69 13.42
C PRO B 46 -25.00 -6.52 14.90
N ALA B 47 -26.05 -5.76 15.18
CA ALA B 47 -26.42 -5.52 16.57
C ALA B 47 -26.74 -6.83 17.33
N SER B 48 -27.52 -7.71 16.71
CA SER B 48 -27.97 -8.91 17.39
C SER B 48 -26.87 -9.98 17.42
N CYS B 49 -26.01 -9.98 16.42
CA CYS B 49 -24.93 -10.97 16.40
C CYS B 49 -23.79 -10.57 17.34
N ALA B 50 -23.57 -9.26 17.52
CA ALA B 50 -22.58 -8.85 18.52
C ALA B 50 -23.12 -9.38 19.85
N GLN B 51 -24.42 -9.16 20.08
CA GLN B 51 -25.03 -9.62 21.33
C GLN B 51 -24.92 -11.15 21.47
N GLN B 52 -25.14 -11.87 20.39
CA GLN B 52 -25.04 -13.33 20.47
C GLN B 52 -23.63 -13.79 20.78
N ALA B 53 -22.64 -13.12 20.17
CA ALA B 53 -21.26 -13.43 20.46
C ALA B 53 -20.99 -13.25 21.96
N GLN B 54 -21.53 -12.14 22.48
CA GLN B 54 -21.33 -11.81 23.88
C GLN B 54 -21.99 -12.89 24.72
N ASN B 55 -23.13 -13.40 24.24
CA ASN B 55 -23.87 -14.40 25.00
C ASN B 55 -23.13 -15.73 25.04
N VAL B 56 -22.62 -16.14 23.89
CA VAL B 56 -21.84 -17.34 23.84
C VAL B 56 -20.65 -17.27 24.75
N GLN B 57 -19.90 -16.18 24.67
CA GLN B 57 -18.70 -16.05 25.50
C GLN B 57 -19.10 -16.05 26.98
N SER B 58 -20.17 -15.31 27.31
CA SER B 58 -20.63 -15.26 28.72
C SER B 58 -20.82 -16.66 29.26
N TYR B 59 -21.45 -17.53 28.49
CA TYR B 59 -21.68 -18.90 28.92
C TYR B 59 -20.34 -19.64 29.13
N HIS B 60 -19.46 -19.52 28.15
CA HIS B 60 -18.13 -20.20 28.25
C HIS B 60 -17.31 -19.71 29.42
N VAL B 61 -17.30 -18.40 29.66
CA VAL B 61 -16.42 -17.81 30.65
C VAL B 61 -17.12 -17.90 32.00
N ARG B 62 -18.32 -17.32 32.09
CA ARG B 62 -19.01 -17.30 33.41
C ARG B 62 -19.41 -18.66 33.90
N ASN B 63 -19.99 -19.48 33.02
CA ASN B 63 -20.53 -20.75 33.45
C ASN B 63 -19.57 -21.92 33.35
N LEU B 64 -18.89 -22.05 32.22
CA LEU B 64 -17.98 -23.19 32.07
C LEU B 64 -16.61 -22.92 32.67
N GLY B 65 -16.36 -21.66 32.99
CA GLY B 65 -15.10 -21.29 33.62
C GLY B 65 -13.90 -21.23 32.68
N TRP B 66 -14.16 -21.17 31.36
CA TRP B 66 -13.07 -21.06 30.41
C TRP B 66 -12.41 -19.66 30.32
N CYS B 67 -11.17 -19.64 29.80
CA CYS B 67 -10.39 -18.39 29.73
C CYS B 67 -10.96 -17.41 28.71
N ASP B 68 -11.79 -17.91 27.81
CA ASP B 68 -12.44 -17.09 26.81
C ASP B 68 -13.47 -17.91 26.03
N VAL B 69 -14.23 -17.28 25.17
CA VAL B 69 -15.14 -18.02 24.32
C VAL B 69 -14.27 -19.09 23.69
N GLY B 70 -14.80 -20.29 23.52
CA GLY B 70 -13.92 -21.40 23.10
C GLY B 70 -13.47 -21.32 21.64
N TYR B 71 -14.26 -20.63 20.81
CA TYR B 71 -14.01 -20.61 19.38
C TYR B 71 -13.00 -19.60 18.99
N ASN B 72 -12.25 -19.90 17.92
CA ASN B 72 -11.31 -18.88 17.41
C ASN B 72 -12.06 -17.76 16.76
N PHE B 73 -13.11 -18.11 16.07
CA PHE B 73 -13.97 -17.17 15.40
C PHE B 73 -15.39 -17.70 15.38
N LEU B 74 -16.33 -16.77 15.37
CA LEU B 74 -17.76 -17.04 15.27
C LEU B 74 -18.32 -16.42 13.98
N ILE B 75 -19.28 -17.08 13.38
CA ILE B 75 -19.89 -16.60 12.17
C ILE B 75 -21.35 -16.31 12.38
N GLY B 76 -21.73 -15.08 12.10
CA GLY B 76 -23.15 -14.72 12.22
C GLY B 76 -23.92 -14.77 10.93
N GLU B 77 -25.25 -14.95 11.02
CA GLU B 77 -26.06 -14.91 9.81
C GLU B 77 -26.22 -13.46 9.32
N ASP B 78 -25.54 -12.53 9.96
CA ASP B 78 -25.46 -11.12 9.46
C ASP B 78 -24.37 -11.08 8.41
N GLY B 79 -23.71 -12.22 8.19
CA GLY B 79 -22.64 -12.26 7.26
C GLY B 79 -21.31 -11.69 7.73
N LEU B 80 -21.18 -11.56 9.03
CA LEU B 80 -19.94 -11.08 9.62
C LEU B 80 -19.27 -12.14 10.49
N VAL B 81 -17.96 -12.01 10.57
CA VAL B 81 -17.16 -12.88 11.39
C VAL B 81 -16.86 -12.15 12.66
N TYR B 82 -17.01 -12.83 13.79
CA TYR B 82 -16.73 -12.31 15.13
C TYR B 82 -15.43 -12.85 15.68
N GLU B 83 -14.55 -11.98 16.11
CA GLU B 83 -13.27 -12.45 16.63
C GLU B 83 -13.46 -13.15 17.94
N GLY B 84 -12.96 -14.39 18.03
CA GLY B 84 -13.04 -15.10 19.30
C GLY B 84 -11.63 -15.11 19.80
N ARG B 85 -11.04 -16.29 19.99
CA ARG B 85 -9.64 -16.38 20.46
C ARG B 85 -8.68 -15.93 19.39
N GLY B 86 -9.13 -15.85 18.14
CA GLY B 86 -8.33 -15.34 17.03
C GLY B 86 -7.43 -16.40 16.37
N TRP B 87 -6.49 -15.89 15.59
CA TRP B 87 -5.59 -16.74 14.86
C TRP B 87 -4.46 -17.40 15.68
N ASN B 88 -4.07 -16.79 16.78
CA ASN B 88 -2.83 -17.19 17.45
C ASN B 88 -3.01 -17.96 18.76
N ILE B 89 -4.19 -17.85 19.31
CA ILE B 89 -4.49 -18.48 20.60
C ILE B 89 -5.26 -19.79 20.43
N LYS B 90 -4.84 -20.82 21.16
CA LYS B 90 -5.48 -22.14 21.13
C LYS B 90 -6.89 -22.07 21.69
N GLY B 91 -7.85 -22.59 20.92
CA GLY B 91 -9.26 -22.60 21.31
C GLY B 91 -9.65 -23.82 22.12
N ALA B 92 -10.91 -23.81 22.45
CA ALA B 92 -11.51 -24.91 23.18
C ALA B 92 -12.79 -25.23 22.47
N HIS B 93 -12.71 -26.03 21.39
CA HIS B 93 -13.91 -26.25 20.63
C HIS B 93 -13.96 -27.66 19.99
N ALA B 94 -12.84 -28.39 20.02
CA ALA B 94 -12.78 -29.71 19.26
C ALA B 94 -12.07 -30.75 20.05
N GLY B 95 -11.87 -30.51 21.35
CA GLY B 95 -11.17 -31.53 22.19
C GLY B 95 -9.64 -31.50 22.14
N PRO B 96 -9.01 -32.22 23.07
CA PRO B 96 -7.57 -32.18 23.28
C PRO B 96 -6.69 -32.63 22.09
N THR B 97 -7.23 -33.41 21.14
CA THR B 97 -6.43 -33.74 19.94
C THR B 97 -6.47 -32.59 18.94
N TRP B 98 -7.65 -32.07 18.76
CA TRP B 98 -7.85 -31.09 17.70
C TRP B 98 -7.60 -29.63 18.09
N ASN B 99 -7.87 -29.27 19.33
CA ASN B 99 -7.64 -27.87 19.71
C ASN B 99 -6.26 -27.31 19.38
N PRO B 100 -5.16 -28.07 19.68
CA PRO B 100 -3.81 -27.58 19.42
C PRO B 100 -3.44 -27.46 17.96
N ILE B 101 -4.18 -28.11 17.08
CA ILE B 101 -3.78 -28.16 15.67
C ILE B 101 -4.80 -27.57 14.71
N SER B 102 -5.73 -26.76 15.23
CA SER B 102 -6.73 -26.24 14.37
C SER B 102 -7.21 -24.85 14.78
N ILE B 103 -7.95 -24.26 13.86
CA ILE B 103 -8.68 -23.01 14.11
C ILE B 103 -10.12 -23.46 14.13
N GLY B 104 -10.81 -23.13 15.23
CA GLY B 104 -12.22 -23.55 15.28
C GLY B 104 -13.10 -22.37 14.94
N ILE B 105 -13.93 -22.54 13.91
CA ILE B 105 -14.92 -21.48 13.57
C ILE B 105 -16.28 -22.06 13.82
N SER B 106 -17.17 -21.23 14.38
CA SER B 106 -18.51 -21.68 14.78
C SER B 106 -19.58 -20.79 14.28
N PHE B 107 -20.53 -21.40 13.56
CA PHE B 107 -21.67 -20.70 13.06
C PHE B 107 -22.66 -20.54 14.19
N MET B 108 -23.10 -19.30 14.44
CA MET B 108 -23.96 -19.01 15.57
C MET B 108 -25.38 -19.35 15.20
N GLY B 109 -25.79 -20.56 15.62
CA GLY B 109 -27.15 -21.00 15.40
C GLY B 109 -27.12 -22.51 15.51
N ASN B 110 -28.24 -23.10 15.16
CA ASN B 110 -28.34 -24.58 15.20
C ASN B 110 -28.66 -25.00 13.78
N TYR B 111 -27.74 -25.72 13.14
CA TYR B 111 -27.95 -26.01 11.73
C TYR B 111 -28.38 -27.45 11.47
N MET B 112 -29.11 -28.01 12.45
CA MET B 112 -29.69 -29.38 12.24
C MET B 112 -30.78 -29.40 11.18
N ASN B 113 -31.63 -28.37 11.20
CA ASN B 113 -32.73 -28.28 10.27
C ASN B 113 -32.78 -26.99 9.45
N ARG B 114 -31.63 -26.35 9.27
CA ARG B 114 -31.58 -24.98 8.65
C ARG B 114 -30.18 -24.79 8.14
N VAL B 115 -30.02 -24.10 6.99
CA VAL B 115 -28.65 -23.76 6.52
C VAL B 115 -28.32 -22.33 6.87
N PRO B 116 -27.02 -22.00 6.98
CA PRO B 116 -26.70 -20.64 7.19
C PRO B 116 -26.88 -19.94 5.86
N PRO B 117 -27.24 -18.65 5.88
CA PRO B 117 -27.44 -18.00 4.59
C PRO B 117 -26.13 -17.91 3.80
N PRO B 118 -26.20 -17.68 2.50
CA PRO B 118 -25.02 -17.54 1.71
C PRO B 118 -23.99 -16.55 2.29
N ARG B 119 -24.47 -15.41 2.82
CA ARG B 119 -23.54 -14.45 3.38
C ARG B 119 -22.73 -14.98 4.52
N ALA B 120 -23.30 -15.92 5.30
CA ALA B 120 -22.56 -16.47 6.43
C ALA B 120 -21.51 -17.47 5.92
N LEU B 121 -21.84 -18.21 4.86
CA LEU B 121 -20.89 -19.13 4.26
C LEU B 121 -19.76 -18.38 3.57
N ARG B 122 -20.10 -17.28 2.90
CA ARG B 122 -19.07 -16.45 2.30
C ARG B 122 -18.15 -15.88 3.35
N ALA B 123 -18.72 -15.51 4.47
CA ALA B 123 -17.93 -14.91 5.52
C ALA B 123 -16.88 -15.89 5.97
N ALA B 124 -17.30 -17.12 6.07
CA ALA B 124 -16.37 -18.16 6.50
C ALA B 124 -15.23 -18.36 5.51
N GLN B 125 -15.53 -18.39 4.24
CA GLN B 125 -14.50 -18.53 3.24
C GLN B 125 -13.60 -17.33 3.22
N ASN B 126 -14.17 -16.14 3.31
CA ASN B 126 -13.38 -14.89 3.42
C ASN B 126 -12.35 -15.07 4.56
N LEU B 127 -12.82 -15.56 5.70
CA LEU B 127 -12.00 -15.72 6.86
C LEU B 127 -10.82 -16.66 6.65
N LEU B 128 -11.10 -17.80 6.10
CA LEU B 128 -10.07 -18.81 5.86
C LEU B 128 -9.05 -18.36 4.82
N ALA B 129 -9.52 -17.67 3.78
CA ALA B 129 -8.61 -17.15 2.73
C ALA B 129 -7.67 -16.18 3.45
N CYS B 130 -8.23 -15.34 4.34
CA CYS B 130 -7.50 -14.39 5.11
C CYS B 130 -6.48 -15.09 6.01
N GLY B 131 -6.83 -16.22 6.56
CA GLY B 131 -5.89 -16.90 7.43
C GLY B 131 -4.70 -17.38 6.62
N VAL B 132 -4.96 -17.80 5.41
CA VAL B 132 -3.84 -18.31 4.56
C VAL B 132 -2.97 -17.08 4.25
N ALA B 133 -3.60 -15.97 3.87
CA ALA B 133 -2.84 -14.76 3.44
C ALA B 133 -1.96 -14.31 4.59
N LEU B 134 -2.41 -14.51 5.83
CA LEU B 134 -1.64 -14.12 7.03
C LEU B 134 -0.58 -15.10 7.41
N GLY B 135 -0.68 -16.32 6.92
CA GLY B 135 0.31 -17.31 7.35
C GLY B 135 -0.19 -18.06 8.56
N ALA B 136 -1.43 -17.72 8.99
CA ALA B 136 -2.00 -18.35 10.20
C ALA B 136 -2.42 -19.78 9.86
N LEU B 137 -2.90 -19.98 8.62
CA LEU B 137 -3.28 -21.28 8.17
C LEU B 137 -2.36 -21.66 6.99
N ARG B 138 -2.02 -22.93 6.88
CA ARG B 138 -1.21 -23.36 5.72
C ARG B 138 -2.07 -23.23 4.47
N SER B 139 -1.44 -22.98 3.32
CA SER B 139 -2.15 -22.82 2.07
C SER B 139 -3.12 -23.97 1.75
N ASN B 140 -2.69 -25.20 2.06
CA ASN B 140 -3.48 -26.36 1.78
C ASN B 140 -4.13 -26.84 3.09
N TYR B 141 -4.77 -25.91 3.80
CA TYR B 141 -5.38 -26.31 5.06
C TYR B 141 -6.51 -27.29 4.81
N GLU B 142 -6.83 -28.04 5.84
CA GLU B 142 -7.90 -29.04 5.70
C GLU B 142 -9.06 -28.70 6.60
N VAL B 143 -10.25 -28.80 6.05
CA VAL B 143 -11.44 -28.47 6.81
C VAL B 143 -12.11 -29.75 7.29
N LYS B 144 -12.46 -29.79 8.56
CA LYS B 144 -13.17 -30.90 9.19
C LYS B 144 -14.43 -30.38 9.77
N GLY B 145 -15.45 -31.22 9.81
CA GLY B 145 -16.67 -30.94 10.52
C GLY B 145 -16.40 -31.30 11.97
N HIS B 146 -17.01 -30.57 12.90
CA HIS B 146 -16.84 -30.91 14.36
C HIS B 146 -17.14 -32.39 14.63
N ARG B 147 -18.20 -32.91 14.03
CA ARG B 147 -18.57 -34.37 14.24
C ARG B 147 -17.51 -35.30 13.65
N ASP B 148 -16.62 -34.77 12.84
CA ASP B 148 -15.56 -35.64 12.26
C ASP B 148 -14.46 -35.88 13.30
N VAL B 149 -14.37 -35.02 14.30
CA VAL B 149 -13.27 -35.13 15.27
C VAL B 149 -13.71 -35.34 16.69
N GLN B 150 -15.01 -35.25 16.92
CA GLN B 150 -15.60 -35.47 18.27
C GLN B 150 -16.99 -36.03 18.08
N PRO B 151 -17.48 -36.80 19.09
CA PRO B 151 -18.80 -37.36 19.02
C PRO B 151 -19.85 -36.28 19.27
N THR B 152 -20.39 -35.73 18.21
CA THR B 152 -21.35 -34.66 18.34
C THR B 152 -22.17 -34.51 17.07
N LEU B 153 -23.29 -33.79 17.18
CA LEU B 153 -24.10 -33.49 15.98
C LEU B 153 -23.54 -32.21 15.31
N SER B 154 -22.82 -31.41 16.08
CA SER B 154 -22.22 -30.21 15.51
C SER B 154 -21.41 -30.62 14.24
N PRO B 155 -21.49 -29.84 13.16
CA PRO B 155 -22.05 -28.46 13.10
C PRO B 155 -23.53 -28.45 12.68
N GLY B 156 -24.27 -29.52 12.95
CA GLY B 156 -25.66 -29.62 12.46
C GLY B 156 -25.72 -30.28 11.08
N ASP B 157 -26.67 -31.18 10.89
CA ASP B 157 -26.75 -31.92 9.62
C ASP B 157 -26.67 -31.05 8.37
N ARG B 158 -27.41 -29.94 8.37
CA ARG B 158 -27.58 -29.15 7.16
C ARG B 158 -26.26 -28.44 6.82
N LEU B 159 -25.59 -27.89 7.82
CA LEU B 159 -24.32 -27.27 7.64
C LEU B 159 -23.21 -28.29 7.34
N TYR B 160 -23.29 -29.44 8.00
CA TYR B 160 -22.32 -30.46 7.78
C TYR B 160 -22.27 -30.88 6.28
N GLU B 161 -23.42 -31.01 5.65
CA GLU B 161 -23.42 -31.46 4.24
C GLU B 161 -22.83 -30.37 3.35
N ILE B 162 -23.02 -29.09 3.73
CA ILE B 162 -22.42 -28.02 2.96
C ILE B 162 -20.90 -28.07 3.08
N ILE B 163 -20.40 -28.29 4.29
CA ILE B 163 -18.99 -28.26 4.53
C ILE B 163 -18.32 -29.38 3.69
N GLN B 164 -18.99 -30.51 3.62
CA GLN B 164 -18.39 -31.64 2.87
C GLN B 164 -18.14 -31.26 1.43
N THR B 165 -18.76 -30.17 0.94
CA THR B 165 -18.63 -29.81 -0.50
C THR B 165 -17.45 -28.84 -0.72
N TRP B 166 -16.87 -28.29 0.36
CA TRP B 166 -15.77 -27.33 0.23
C TRP B 166 -14.51 -27.99 -0.28
N SER B 167 -13.82 -27.28 -1.17
CA SER B 167 -12.65 -27.88 -1.78
C SER B 167 -11.58 -28.26 -0.74
N HIS B 168 -11.52 -27.53 0.36
CA HIS B 168 -10.52 -27.83 1.39
C HIS B 168 -11.00 -28.89 2.40
N TYR B 169 -12.24 -29.36 2.30
CA TYR B 169 -12.76 -30.35 3.22
C TYR B 169 -12.03 -31.67 3.02
N ARG B 170 -11.78 -32.39 4.10
CA ARG B 170 -11.09 -33.70 4.04
C ARG B 170 -11.75 -34.60 5.03
N ALA B 171 -12.43 -35.63 4.54
CA ALA B 171 -13.17 -36.56 5.43
C ALA B 171 -12.32 -37.25 6.47
N GLU C 1 -1.51 38.83 -24.15
CA GLU C 1 -1.59 37.39 -24.53
C GLU C 1 -0.41 36.98 -25.41
N ASP C 2 0.63 36.37 -24.82
CA ASP C 2 1.66 35.79 -25.69
C ASP C 2 1.71 34.26 -25.66
N PRO C 3 1.19 33.67 -26.75
CA PRO C 3 1.38 32.28 -27.06
C PRO C 3 2.32 32.09 -28.29
N PRO C 4 3.67 32.19 -28.10
CA PRO C 4 4.59 31.96 -29.24
C PRO C 4 5.16 30.52 -29.33
N ALA C 5 5.79 30.20 -30.46
CA ALA C 5 6.44 28.90 -30.65
C ALA C 5 7.89 28.77 -30.06
N CYS C 6 7.98 28.74 -28.77
CA CYS C 6 9.28 28.61 -28.11
C CYS C 6 9.63 27.15 -27.87
N GLY C 7 8.63 26.28 -27.92
CA GLY C 7 8.80 24.86 -27.62
C GLY C 7 9.28 24.03 -28.79
N SER C 8 10.61 23.98 -28.95
CA SER C 8 11.23 23.03 -29.87
C SER C 8 11.39 21.69 -29.16
N ILE C 9 10.32 21.26 -28.50
CA ILE C 9 10.30 20.07 -27.67
C ILE C 9 9.72 18.90 -28.45
N VAL C 10 10.33 17.73 -28.28
CA VAL C 10 9.89 16.53 -28.90
C VAL C 10 8.65 16.02 -28.23
N PRO C 11 7.51 15.99 -28.93
CA PRO C 11 6.24 15.55 -28.37
C PRO C 11 6.29 14.08 -27.95
N ARG C 12 5.57 13.76 -26.89
CA ARG C 12 5.55 12.38 -26.38
C ARG C 12 5.28 11.37 -27.51
N ARG C 13 4.26 11.64 -28.33
CA ARG C 13 3.95 10.71 -29.47
C ARG C 13 5.19 10.44 -30.32
N GLU C 14 5.97 11.47 -30.55
CA GLU C 14 7.16 11.35 -31.35
C GLU C 14 8.19 10.45 -30.74
N TRP C 15 8.25 10.39 -29.39
CA TRP C 15 9.19 9.50 -28.79
C TRP C 15 8.52 8.19 -28.37
N ARG C 16 7.26 8.05 -28.75
CA ARG C 16 6.52 6.80 -28.62
C ARG C 16 6.31 6.55 -27.13
N ALA C 17 5.99 7.62 -26.40
CA ALA C 17 5.69 7.47 -24.95
C ALA C 17 4.46 6.65 -24.75
N LEU C 18 4.46 5.83 -23.68
CA LEU C 18 3.22 5.21 -23.28
C LEU C 18 2.33 6.29 -22.78
N ALA C 19 1.02 6.09 -22.89
CA ALA C 19 0.07 7.04 -22.34
C ALA C 19 0.28 7.29 -20.86
N SER C 20 0.10 8.57 -20.42
CA SER C 20 0.23 8.90 -19.04
C SER C 20 -1.07 8.59 -18.28
N GLU C 21 -0.92 8.16 -17.02
CA GLU C 21 -2.04 8.01 -16.14
C GLU C 21 -2.09 9.07 -15.06
N CYS C 22 -1.17 10.02 -15.14
CA CYS C 22 -1.06 11.07 -14.14
C CYS C 22 -2.08 12.16 -14.42
N ARG C 23 -2.63 12.70 -13.35
CA ARG C 23 -3.66 13.74 -13.50
C ARG C 23 -3.50 14.93 -12.59
N GLU C 24 -2.68 14.82 -11.52
CA GLU C 24 -2.49 15.95 -10.63
C GLU C 24 -1.78 17.10 -11.30
N ARG C 25 -2.30 18.28 -11.09
CA ARG C 25 -1.77 19.49 -11.73
C ARG C 25 -0.87 20.34 -10.90
N LEU C 26 0.09 20.98 -11.59
CA LEU C 26 0.99 21.95 -10.94
C LEU C 26 0.23 23.26 -11.04
N THR C 27 0.55 24.23 -10.20
CA THR C 27 -0.12 25.52 -10.35
C THR C 27 0.87 26.51 -10.96
N ARG C 28 0.57 27.01 -12.15
CA ARG C 28 1.46 27.94 -12.77
C ARG C 28 1.05 29.35 -12.28
N PRO C 29 2.00 30.27 -12.19
CA PRO C 29 3.42 30.05 -12.55
C PRO C 29 4.18 29.32 -11.47
N VAL C 30 4.90 28.27 -11.89
CA VAL C 30 5.68 27.47 -11.00
C VAL C 30 6.98 28.21 -10.60
N ARG C 31 7.30 28.17 -9.32
CA ARG C 31 8.45 28.95 -8.82
C ARG C 31 9.79 28.20 -8.96
N TYR C 32 9.75 26.87 -8.86
CA TYR C 32 11.03 26.13 -8.81
C TYR C 32 11.24 25.18 -9.96
N VAL C 33 12.52 24.93 -10.26
CA VAL C 33 12.96 23.99 -11.27
C VAL C 33 13.99 23.10 -10.63
N VAL C 34 13.81 21.79 -10.65
CA VAL C 34 14.80 20.90 -10.05
C VAL C 34 15.48 20.15 -11.13
N VAL C 35 16.80 20.22 -11.15
CA VAL C 35 17.60 19.59 -12.19
C VAL C 35 18.23 18.31 -11.69
N SER C 36 17.97 17.24 -12.37
CA SER C 36 18.43 15.91 -12.09
C SER C 36 19.13 15.29 -13.25
N HIS C 37 19.70 14.11 -13.06
CA HIS C 37 20.23 13.32 -14.19
C HIS C 37 19.67 11.97 -14.07
N THR C 38 19.54 11.22 -15.14
CA THR C 38 18.89 9.93 -15.10
C THR C 38 19.91 8.92 -14.52
N ALA C 39 21.14 9.38 -14.44
CA ALA C 39 22.30 8.55 -13.95
C ALA C 39 22.57 7.36 -14.89
N GLY C 40 21.85 7.27 -16.02
CA GLY C 40 21.98 6.18 -16.96
C GLY C 40 22.76 6.47 -18.26
N SER C 41 22.47 5.70 -19.30
CA SER C 41 23.20 5.89 -20.58
C SER C 41 22.70 7.19 -21.19
N HIS C 42 23.62 7.86 -21.89
CA HIS C 42 23.28 9.09 -22.60
C HIS C 42 23.02 8.72 -24.05
N CYS C 43 22.54 9.69 -24.83
CA CYS C 43 22.25 9.47 -26.20
C CYS C 43 22.59 10.77 -26.90
N ASP C 44 23.11 10.68 -28.11
CA ASP C 44 23.42 11.95 -28.81
C ASP C 44 22.85 12.02 -30.20
N THR C 45 21.74 11.37 -30.41
CA THR C 45 21.02 11.42 -31.64
C THR C 45 19.56 11.36 -31.34
N PRO C 46 18.72 12.01 -32.18
CA PRO C 46 17.28 11.99 -32.03
C PRO C 46 16.69 10.59 -32.01
N ALA C 47 17.25 9.68 -32.83
CA ALA C 47 16.72 8.36 -32.82
C ALA C 47 16.96 7.68 -31.47
N SER C 48 18.15 7.83 -30.97
CA SER C 48 18.59 7.10 -29.79
C SER C 48 18.06 7.81 -28.56
N CYS C 49 17.90 9.13 -28.64
CA CYS C 49 17.33 9.85 -27.48
C CYS C 49 15.84 9.61 -27.37
N ALA C 50 15.18 9.38 -28.49
CA ALA C 50 13.77 8.99 -28.45
C ALA C 50 13.65 7.62 -27.71
N GLN C 51 14.55 6.72 -28.07
CA GLN C 51 14.56 5.39 -27.45
C GLN C 51 14.93 5.51 -25.95
N GLN C 52 15.92 6.31 -25.64
CA GLN C 52 16.36 6.50 -24.27
C GLN C 52 15.20 7.03 -23.42
N ALA C 53 14.44 7.98 -23.96
CA ALA C 53 13.29 8.49 -23.23
C ALA C 53 12.29 7.38 -22.97
N GLN C 54 12.08 6.53 -23.97
CA GLN C 54 11.17 5.40 -23.78
C GLN C 54 11.70 4.52 -22.69
N ASN C 55 13.00 4.29 -22.69
CA ASN C 55 13.62 3.36 -21.67
C ASN C 55 13.50 3.91 -20.27
N VAL C 56 13.74 5.20 -20.13
CA VAL C 56 13.58 5.86 -18.83
C VAL C 56 12.10 5.79 -18.43
N GLN C 57 11.18 6.08 -19.32
CA GLN C 57 9.77 6.02 -19.00
C GLN C 57 9.38 4.56 -18.66
N SER C 58 9.99 3.62 -19.37
CA SER C 58 9.67 2.22 -19.16
C SER C 58 10.03 1.84 -17.73
N TYR C 59 11.20 2.31 -17.30
CA TYR C 59 11.63 2.01 -15.92
C TYR C 59 10.60 2.52 -14.94
N HIS C 60 10.15 3.77 -15.11
CA HIS C 60 9.25 4.40 -14.17
C HIS C 60 7.89 3.77 -14.17
N VAL C 61 7.36 3.49 -15.36
CA VAL C 61 6.02 2.98 -15.51
C VAL C 61 5.94 1.46 -15.32
N ARG C 62 6.83 0.73 -15.99
CA ARG C 62 6.75 -0.77 -15.95
C ARG C 62 7.37 -1.30 -14.69
N ASN C 63 8.44 -0.71 -14.19
CA ASN C 63 9.16 -1.28 -13.01
C ASN C 63 8.74 -0.62 -11.74
N LEU C 64 8.81 0.70 -11.68
CA LEU C 64 8.41 1.41 -10.48
C LEU C 64 6.88 1.47 -10.37
N GLY C 65 6.17 1.10 -11.45
CA GLY C 65 4.72 1.12 -11.50
C GLY C 65 4.08 2.53 -11.40
N TRP C 66 4.78 3.57 -11.82
CA TRP C 66 4.25 4.95 -11.76
C TRP C 66 3.34 5.32 -12.95
N CYS C 67 2.59 6.42 -12.78
CA CYS C 67 1.64 6.85 -13.78
C CYS C 67 2.29 7.41 -15.07
N ASP C 68 3.56 7.71 -15.00
CA ASP C 68 4.33 8.22 -16.13
C ASP C 68 5.74 8.36 -15.75
N VAL C 69 6.60 8.68 -16.74
CA VAL C 69 7.96 9.04 -16.44
C VAL C 69 7.83 10.17 -15.42
N GLY C 70 8.72 10.17 -14.39
CA GLY C 70 8.58 11.12 -13.30
C GLY C 70 8.96 12.56 -13.66
N TYR C 71 9.73 12.76 -14.73
CA TYR C 71 10.23 14.10 -15.04
C TYR C 71 9.23 14.87 -15.91
N ASN C 72 9.28 16.18 -15.76
CA ASN C 72 8.40 17.06 -16.56
C ASN C 72 9.00 17.13 -17.96
N PHE C 73 10.30 17.18 -18.05
CA PHE C 73 11.01 17.16 -19.38
C PHE C 73 12.31 16.44 -19.22
N LEU C 74 12.77 15.84 -20.30
CA LEU C 74 14.12 15.26 -20.30
C LEU C 74 14.98 16.01 -21.29
N ILE C 75 16.26 16.06 -21.05
CA ILE C 75 17.15 16.74 -21.96
C ILE C 75 18.09 15.69 -22.57
N GLY C 76 18.15 15.66 -23.90
CA GLY C 76 19.05 14.72 -24.58
C GLY C 76 20.40 15.34 -24.98
N GLU C 77 21.37 14.46 -25.18
CA GLU C 77 22.69 15.01 -25.59
C GLU C 77 22.60 15.28 -27.08
N ASP C 78 21.46 14.99 -27.65
CA ASP C 78 21.22 15.36 -29.08
C ASP C 78 20.85 16.83 -29.16
N GLY C 79 20.78 17.47 -28.01
CA GLY C 79 20.36 18.89 -27.93
C GLY C 79 18.87 19.11 -28.04
N LEU C 80 18.05 18.07 -27.79
CA LEU C 80 16.62 18.13 -27.97
C LEU C 80 15.92 17.88 -26.60
N VAL C 81 14.81 18.58 -26.39
CA VAL C 81 14.05 18.42 -25.13
C VAL C 81 12.98 17.45 -25.39
N TYR C 82 12.77 16.50 -24.47
CA TYR C 82 11.71 15.51 -24.63
C TYR C 82 10.60 15.77 -23.66
N GLU C 83 9.38 15.80 -24.18
CA GLU C 83 8.26 16.06 -23.34
C GLU C 83 8.01 14.90 -22.39
N GLY C 84 8.06 15.23 -21.10
CA GLY C 84 7.69 14.23 -20.07
C GLY C 84 6.29 14.57 -19.62
N ARG C 85 6.08 14.79 -18.32
CA ARG C 85 4.79 15.15 -17.86
C ARG C 85 4.42 16.57 -18.31
N GLY C 86 5.42 17.35 -18.75
CA GLY C 86 5.19 18.73 -19.24
C GLY C 86 4.98 19.78 -18.20
N TRP C 87 4.50 20.95 -18.64
CA TRP C 87 4.37 22.09 -17.74
C TRP C 87 3.28 22.04 -16.71
N ASN C 88 2.23 21.24 -16.97
CA ASN C 88 1.00 21.33 -16.19
C ASN C 88 0.73 20.24 -15.23
N ILE C 89 1.49 19.14 -15.33
CA ILE C 89 1.24 17.97 -14.50
C ILE C 89 2.36 17.78 -13.49
N LYS C 90 1.97 17.45 -12.27
CA LYS C 90 3.01 17.29 -11.21
C LYS C 90 3.84 16.09 -11.52
N GLY C 91 5.16 16.28 -11.42
CA GLY C 91 6.10 15.21 -11.69
C GLY C 91 6.39 14.42 -10.38
N ALA C 92 7.23 13.42 -10.54
CA ALA C 92 7.62 12.55 -9.42
C ALA C 92 9.13 12.43 -9.57
N HIS C 93 9.83 13.47 -9.10
CA HIS C 93 11.27 13.53 -9.31
C HIS C 93 12.05 14.09 -8.15
N ALA C 94 11.38 14.71 -7.18
CA ALA C 94 12.15 15.40 -6.11
C ALA C 94 11.47 15.28 -4.72
N GLY C 95 10.57 14.31 -4.58
CA GLY C 95 9.86 14.10 -3.33
C GLY C 95 8.55 14.87 -3.29
N PRO C 96 7.73 14.58 -2.29
CA PRO C 96 6.42 15.23 -2.12
C PRO C 96 6.44 16.71 -1.78
N THR C 97 7.52 17.17 -1.14
CA THR C 97 7.63 18.57 -0.74
C THR C 97 7.96 19.43 -1.97
N TRP C 98 8.81 18.91 -2.84
CA TRP C 98 9.21 19.65 -4.05
C TRP C 98 8.44 19.31 -5.32
N ASN C 99 7.86 18.12 -5.40
CA ASN C 99 7.11 17.79 -6.56
C ASN C 99 5.94 18.72 -6.87
N PRO C 100 5.13 19.07 -5.90
CA PRO C 100 3.98 19.98 -6.20
C PRO C 100 4.35 21.40 -6.56
N ILE C 101 5.58 21.83 -6.34
CA ILE C 101 5.95 23.22 -6.52
C ILE C 101 7.06 23.46 -7.51
N SER C 102 7.47 22.39 -8.22
CA SER C 102 8.59 22.54 -9.16
C SER C 102 8.30 21.85 -10.51
N ILE C 103 9.16 22.18 -11.49
CA ILE C 103 9.21 21.47 -12.73
C ILE C 103 10.52 20.69 -12.61
N GLY C 104 10.47 19.42 -12.94
CA GLY C 104 11.65 18.55 -12.84
C GLY C 104 12.19 18.31 -14.25
N ILE C 105 13.42 18.79 -14.51
CA ILE C 105 14.05 18.47 -15.78
C ILE C 105 15.23 17.54 -15.55
N SER C 106 15.33 16.49 -16.34
CA SER C 106 16.42 15.53 -16.12
C SER C 106 17.26 15.36 -17.40
N PHE C 107 18.58 15.42 -17.23
CA PHE C 107 19.53 15.17 -18.34
C PHE C 107 19.76 13.70 -18.49
N MET C 108 19.63 13.19 -19.70
CA MET C 108 19.62 11.75 -19.95
C MET C 108 21.06 11.27 -20.04
N GLY C 109 21.56 10.73 -18.94
CA GLY C 109 22.97 10.27 -18.84
C GLY C 109 23.44 10.36 -17.40
N ASN C 110 24.73 10.11 -17.18
CA ASN C 110 25.32 10.27 -15.90
C ASN C 110 26.38 11.33 -15.83
N TYR C 111 26.18 12.32 -15.00
CA TYR C 111 27.09 13.44 -15.08
C TYR C 111 28.04 13.63 -13.88
N MET C 112 28.44 12.53 -13.24
CA MET C 112 29.40 12.56 -12.15
C MET C 112 30.82 12.73 -12.70
N ASN C 113 31.06 12.12 -13.86
CA ASN C 113 32.37 12.17 -14.51
C ASN C 113 32.29 12.73 -15.95
N ARG C 114 31.17 13.37 -16.26
CA ARG C 114 30.91 13.94 -17.58
C ARG C 114 30.14 15.25 -17.48
N VAL C 115 30.38 16.25 -18.42
CA VAL C 115 29.42 17.41 -18.44
C VAL C 115 28.50 17.19 -19.63
N PRO C 116 27.26 17.67 -19.55
CA PRO C 116 26.43 17.55 -20.72
C PRO C 116 27.08 18.41 -21.86
N PRO C 117 26.88 18.01 -23.13
CA PRO C 117 27.42 18.83 -24.21
C PRO C 117 26.72 20.18 -24.33
N PRO C 118 27.39 21.16 -24.95
CA PRO C 118 26.80 22.50 -24.93
C PRO C 118 25.40 22.53 -25.51
N ARG C 119 25.09 21.64 -26.44
CA ARG C 119 23.77 21.66 -27.06
C ARG C 119 22.66 21.19 -26.09
N ALA C 120 23.07 20.35 -25.12
CA ALA C 120 22.09 19.87 -24.09
C ALA C 120 21.87 20.96 -23.10
N LEU C 121 22.92 21.68 -22.72
CA LEU C 121 22.79 22.81 -21.83
C LEU C 121 21.92 23.97 -22.47
N ARG C 122 22.13 24.20 -23.76
CA ARG C 122 21.33 25.25 -24.45
C ARG C 122 19.88 24.82 -24.49
N ALA C 123 19.66 23.56 -24.72
CA ALA C 123 18.30 22.95 -24.79
C ALA C 123 17.56 23.23 -23.46
N ALA C 124 18.26 22.97 -22.34
CA ALA C 124 17.63 23.16 -21.03
C ALA C 124 17.37 24.63 -20.80
N GLN C 125 18.36 25.48 -21.07
CA GLN C 125 18.17 26.94 -20.86
C GLN C 125 17.03 27.49 -21.70
N ASN C 126 16.97 27.08 -22.95
CA ASN C 126 15.94 27.51 -23.89
C ASN C 126 14.56 27.02 -23.41
N LEU C 127 14.54 25.81 -22.84
CA LEU C 127 13.24 25.30 -22.36
C LEU C 127 12.75 26.19 -21.17
N LEU C 128 13.66 26.54 -20.24
CA LEU C 128 13.19 27.34 -19.06
C LEU C 128 12.77 28.74 -19.51
N ALA C 129 13.47 29.30 -20.48
CA ALA C 129 13.07 30.61 -21.01
C ALA C 129 11.66 30.51 -21.65
N CYS C 130 11.43 29.41 -22.33
CA CYS C 130 10.12 29.04 -22.94
C CYS C 130 9.07 29.00 -21.81
N GLY C 131 9.40 28.30 -20.71
CA GLY C 131 8.47 28.20 -19.58
C GLY C 131 8.11 29.57 -19.04
N VAL C 132 9.07 30.47 -18.93
CA VAL C 132 8.76 31.84 -18.45
C VAL C 132 7.86 32.54 -19.46
N ALA C 133 8.20 32.43 -20.74
CA ALA C 133 7.46 33.11 -21.82
C ALA C 133 6.02 32.65 -21.85
N LEU C 134 5.79 31.35 -21.60
CA LEU C 134 4.44 30.80 -21.50
C LEU C 134 3.69 31.08 -20.21
N GLY C 135 4.40 31.57 -19.20
CA GLY C 135 3.83 31.84 -17.93
C GLY C 135 3.74 30.56 -17.10
N ALA C 136 4.45 29.52 -17.54
CA ALA C 136 4.44 28.22 -16.81
C ALA C 136 5.39 28.33 -15.60
N LEU C 137 6.42 29.16 -15.76
CA LEU C 137 7.39 29.36 -14.70
C LEU C 137 7.34 30.85 -14.29
N ARG C 138 7.65 31.13 -13.05
CA ARG C 138 7.78 32.55 -12.62
C ARG C 138 9.02 33.12 -13.25
N SER C 139 9.01 34.42 -13.61
CA SER C 139 10.09 35.03 -14.32
C SER C 139 11.35 34.96 -13.45
N ASN C 140 11.21 35.00 -12.11
CA ASN C 140 12.37 34.81 -11.27
C ASN C 140 12.42 33.41 -10.67
N TYR C 141 12.09 32.39 -11.49
CA TYR C 141 12.10 31.01 -10.99
C TYR C 141 13.45 30.68 -10.39
N GLU C 142 13.49 29.71 -9.48
CA GLU C 142 14.69 29.34 -8.79
C GLU C 142 15.04 27.92 -9.19
N VAL C 143 16.29 27.70 -9.55
CA VAL C 143 16.75 26.39 -9.95
C VAL C 143 17.46 25.70 -8.78
N LYS C 144 17.12 24.46 -8.51
CA LYS C 144 17.77 23.67 -7.48
C LYS C 144 18.39 22.46 -8.13
N GLY C 145 19.44 21.93 -7.50
CA GLY C 145 19.98 20.70 -7.98
C GLY C 145 19.18 19.62 -7.22
N HIS C 146 19.03 18.45 -7.81
CA HIS C 146 18.30 17.35 -7.17
C HIS C 146 18.89 17.09 -5.77
N ARG C 147 20.23 17.11 -5.69
CA ARG C 147 20.89 16.87 -4.39
C ARG C 147 20.69 17.95 -3.37
N ASP C 148 20.17 19.09 -3.75
CA ASP C 148 19.87 20.15 -2.81
C ASP C 148 18.58 19.87 -2.03
N VAL C 149 17.75 19.00 -2.58
CA VAL C 149 16.41 18.78 -2.00
C VAL C 149 16.08 17.34 -1.66
N GLN C 150 16.90 16.40 -2.10
CA GLN C 150 16.79 14.98 -1.80
C GLN C 150 18.20 14.45 -1.64
N PRO C 151 18.35 13.31 -1.00
CA PRO C 151 19.67 12.73 -0.87
C PRO C 151 19.96 11.93 -2.09
N THR C 152 20.92 12.43 -2.85
CA THR C 152 21.24 11.82 -4.07
C THR C 152 22.55 12.44 -4.63
N LEU C 153 23.20 11.71 -5.51
CA LEU C 153 24.36 12.29 -6.25
C LEU C 153 23.79 13.17 -7.41
N SER C 154 22.58 12.81 -7.86
CA SER C 154 21.94 13.63 -8.93
C SER C 154 22.06 15.08 -8.63
N PRO C 155 22.32 15.95 -9.70
CA PRO C 155 22.40 15.62 -11.11
C PRO C 155 23.83 15.26 -11.59
N GLY C 156 24.69 14.81 -10.67
CA GLY C 156 26.10 14.54 -11.04
C GLY C 156 26.98 15.73 -10.73
N ASP C 157 28.18 15.49 -10.14
CA ASP C 157 29.09 16.59 -9.74
C ASP C 157 29.32 17.67 -10.82
N ARG C 158 29.60 17.23 -12.02
CA ARG C 158 29.96 18.16 -13.13
C ARG C 158 28.77 19.05 -13.48
N LEU C 159 27.59 18.42 -13.59
CA LEU C 159 26.34 19.19 -13.92
C LEU C 159 25.92 20.05 -12.76
N TYR C 160 26.09 19.52 -11.53
CA TYR C 160 25.80 20.30 -10.35
C TYR C 160 26.63 21.56 -10.30
N GLU C 161 27.87 21.42 -10.72
CA GLU C 161 28.84 22.51 -10.66
C GLU C 161 28.45 23.58 -11.68
N ILE C 162 27.90 23.12 -12.79
CA ILE C 162 27.45 24.05 -13.83
C ILE C 162 26.20 24.83 -13.35
N ILE C 163 25.18 24.10 -12.87
CA ILE C 163 24.00 24.81 -12.49
C ILE C 163 24.16 25.79 -11.38
N GLN C 164 25.08 25.53 -10.44
CA GLN C 164 25.35 26.50 -9.39
C GLN C 164 25.79 27.87 -9.88
N THR C 165 26.23 27.93 -11.13
CA THR C 165 26.60 29.23 -11.72
C THR C 165 25.45 29.99 -12.38
N TRP C 166 24.29 29.33 -12.51
CA TRP C 166 23.18 29.96 -13.26
C TRP C 166 22.54 31.11 -12.54
N SER C 167 22.14 32.08 -13.34
CA SER C 167 21.48 33.28 -12.88
C SER C 167 20.36 32.86 -11.91
N HIS C 168 19.57 31.86 -12.32
CA HIS C 168 18.40 31.42 -11.52
C HIS C 168 18.68 30.44 -10.41
N TYR C 169 19.92 30.03 -10.23
CA TYR C 169 20.20 29.05 -9.17
C TYR C 169 20.00 29.76 -7.84
N ARG C 170 19.41 29.04 -6.88
CA ARG C 170 19.25 29.58 -5.55
C ARG C 170 19.62 28.46 -4.60
N ALA C 171 20.74 28.70 -3.91
CA ALA C 171 21.47 27.70 -3.05
C ALA C 171 20.56 26.65 -2.37
N GLU D 1 15.71 -19.23 24.66
CA GLU D 1 15.54 -19.66 26.08
C GLU D 1 15.42 -18.43 27.02
N ASP D 2 15.98 -17.30 26.58
CA ASP D 2 15.60 -15.96 27.08
C ASP D 2 15.53 -14.92 25.93
N PRO D 3 14.55 -13.99 25.97
CA PRO D 3 14.12 -13.14 24.83
C PRO D 3 15.15 -12.34 23.95
N PRO D 4 15.90 -11.36 24.53
CA PRO D 4 16.64 -10.35 23.74
C PRO D 4 17.85 -10.85 22.94
N ALA D 5 17.66 -11.89 22.13
CA ALA D 5 18.77 -12.63 21.55
C ALA D 5 19.33 -12.09 20.23
N CYS D 6 19.31 -10.76 20.04
CA CYS D 6 19.57 -10.20 18.72
C CYS D 6 20.45 -8.95 18.63
N GLY D 7 21.15 -8.87 17.50
CA GLY D 7 22.22 -7.90 17.19
C GLY D 7 22.56 -6.67 18.02
N SER D 8 23.85 -6.43 18.19
CA SER D 8 24.37 -5.19 18.75
C SER D 8 24.33 -4.09 17.69
N ILE D 9 24.01 -2.92 18.11
CA ILE D 9 23.93 -1.78 17.24
C ILE D 9 24.63 -0.61 17.86
N VAL D 10 25.26 0.21 17.03
CA VAL D 10 25.92 1.37 17.57
C VAL D 10 24.81 2.37 17.83
N PRO D 11 24.66 2.77 19.08
CA PRO D 11 23.63 3.72 19.48
C PRO D 11 23.91 5.11 19.00
N ARG D 12 22.88 5.92 18.84
CA ARG D 12 23.10 7.23 18.27
C ARG D 12 24.12 8.05 19.04
N ARG D 13 23.94 8.19 20.33
CA ARG D 13 24.91 8.83 21.22
C ARG D 13 26.34 8.42 20.87
N GLU D 14 26.53 7.13 20.65
CA GLU D 14 27.85 6.59 20.33
C GLU D 14 28.46 7.12 19.03
N TRP D 15 27.63 7.40 18.04
CA TRP D 15 28.14 7.92 16.81
C TRP D 15 28.01 9.44 16.79
N ARG D 16 27.56 9.98 17.91
CA ARG D 16 27.42 11.42 18.20
C ARG D 16 26.48 12.06 17.22
N ALA D 17 25.22 11.61 17.28
CA ALA D 17 24.20 12.05 16.34
C ALA D 17 23.52 13.24 16.91
N LEU D 18 23.07 14.11 16.03
CA LEU D 18 22.23 15.21 16.48
C LEU D 18 20.94 14.59 16.96
N ALA D 19 20.36 15.16 18.00
CA ALA D 19 19.05 14.73 18.47
C ALA D 19 18.08 14.65 17.26
N SER D 20 17.29 13.59 17.21
CA SER D 20 16.27 13.50 16.22
C SER D 20 15.13 14.45 16.57
N GLU D 21 14.53 15.00 15.55
CA GLU D 21 13.29 15.73 15.73
C GLU D 21 12.09 14.97 15.13
N CYS D 22 12.32 13.76 14.63
CA CYS D 22 11.25 12.99 13.99
C CYS D 22 10.31 12.37 15.01
N ARG D 23 9.02 12.32 14.70
CA ARG D 23 8.04 11.76 15.61
C ARG D 23 6.99 10.86 14.95
N GLU D 24 6.93 10.86 13.63
CA GLU D 24 6.00 9.96 12.96
C GLU D 24 6.44 8.53 13.08
N ARG D 25 5.54 7.67 13.49
CA ARG D 25 5.93 6.32 13.78
C ARG D 25 5.56 5.34 12.67
N LEU D 26 6.22 4.21 12.70
CA LEU D 26 5.89 3.06 11.87
C LEU D 26 4.96 2.19 12.68
N THR D 27 4.24 1.29 12.01
CA THR D 27 3.44 0.31 12.73
C THR D 27 4.08 -1.06 12.71
N ARG D 28 4.49 -1.59 13.87
CA ARG D 28 5.09 -2.89 13.89
C ARG D 28 3.99 -3.92 13.97
N PRO D 29 4.21 -5.10 13.37
CA PRO D 29 5.44 -5.48 12.64
C PRO D 29 5.44 -4.87 11.21
N VAL D 30 6.60 -4.40 10.80
CA VAL D 30 6.74 -3.75 9.51
C VAL D 30 6.95 -4.83 8.47
N ARG D 31 6.35 -4.63 7.31
CA ARG D 31 6.41 -5.66 6.26
C ARG D 31 7.55 -5.59 5.30
N TYR D 32 8.07 -4.38 5.04
CA TYR D 32 9.10 -4.24 4.04
C TYR D 32 10.42 -3.62 4.57
N VAL D 33 11.46 -4.00 3.90
CA VAL D 33 12.81 -3.42 4.13
C VAL D 33 13.29 -2.97 2.77
N VAL D 34 13.78 -1.75 2.69
CA VAL D 34 14.37 -1.26 1.41
C VAL D 34 15.84 -1.07 1.68
N VAL D 35 16.63 -1.67 0.85
CA VAL D 35 18.06 -1.60 0.97
C VAL D 35 18.63 -0.57 0.00
N SER D 36 19.35 0.42 0.51
CA SER D 36 19.95 1.48 -0.33
C SER D 36 21.44 1.51 -0.03
N HIS D 37 22.15 2.38 -0.74
CA HIS D 37 23.53 2.73 -0.39
C HIS D 37 23.58 4.20 -0.25
N THR D 38 24.51 4.75 0.51
CA THR D 38 24.62 6.17 0.70
C THR D 38 25.24 6.80 -0.54
N ALA D 39 25.88 5.98 -1.35
CA ALA D 39 26.51 6.40 -2.60
C ALA D 39 27.74 7.25 -2.41
N GLY D 40 28.14 7.46 -1.15
CA GLY D 40 29.30 8.24 -0.84
C GLY D 40 30.53 7.37 -0.54
N SER D 41 31.34 7.85 0.36
CA SER D 41 32.52 7.08 0.76
C SER D 41 32.10 5.94 1.72
N HIS D 42 32.90 4.88 1.70
CA HIS D 42 32.71 3.80 2.67
C HIS D 42 33.71 4.03 3.82
N CYS D 43 33.55 3.23 4.86
CA CYS D 43 34.40 3.27 6.03
C CYS D 43 34.60 1.83 6.49
N ASP D 44 35.79 1.56 7.02
CA ASP D 44 36.13 0.18 7.32
C ASP D 44 36.70 -0.19 8.68
N THR D 45 36.53 0.78 9.50
CA THR D 45 36.91 0.68 10.90
C THR D 45 35.80 1.38 11.67
N PRO D 46 35.58 0.97 12.94
CA PRO D 46 34.56 1.63 13.77
C PRO D 46 34.77 3.14 13.89
N ALA D 47 35.97 3.54 13.75
CA ALA D 47 36.31 4.88 13.76
C ALA D 47 35.86 5.65 12.52
N SER D 48 36.17 5.11 11.35
CA SER D 48 35.81 5.76 10.13
C SER D 48 34.24 5.85 10.02
N CYS D 49 33.64 4.76 10.45
CA CYS D 49 32.20 4.56 10.24
C CYS D 49 31.28 5.43 11.09
N ALA D 50 31.72 5.70 12.31
CA ALA D 50 30.94 6.65 13.12
C ALA D 50 30.92 8.06 12.59
N GLN D 51 32.06 8.46 12.11
CA GLN D 51 32.24 9.76 11.46
C GLN D 51 31.37 9.90 10.19
N GLN D 52 31.36 8.85 9.40
CA GLN D 52 30.53 8.74 8.19
C GLN D 52 29.04 8.91 8.54
N ALA D 53 28.59 8.28 9.62
CA ALA D 53 27.19 8.37 9.97
C ALA D 53 26.83 9.79 10.37
N GLN D 54 27.75 10.47 11.05
CA GLN D 54 27.53 11.82 11.45
C GLN D 54 27.45 12.70 10.17
N ASN D 55 28.24 12.33 9.19
CA ASN D 55 28.34 13.05 7.90
C ASN D 55 27.03 12.85 7.14
N VAL D 56 26.56 11.61 7.05
CA VAL D 56 25.28 11.34 6.38
C VAL D 56 24.15 12.08 7.05
N GLN D 57 24.08 12.04 8.42
CA GLN D 57 23.05 12.75 9.12
C GLN D 57 23.11 14.27 8.87
N SER D 58 24.33 14.79 8.83
CA SER D 58 24.62 16.22 8.65
C SER D 58 24.02 16.67 7.31
N TYR D 59 24.23 15.89 6.28
CA TYR D 59 23.69 16.19 4.92
C TYR D 59 22.13 16.24 5.00
N HIS D 60 21.50 15.24 5.65
CA HIS D 60 20.03 15.19 5.70
C HIS D 60 19.43 16.27 6.61
N VAL D 61 20.01 16.49 7.81
CA VAL D 61 19.50 17.45 8.74
C VAL D 61 19.93 18.88 8.39
N ARG D 62 21.25 19.10 8.17
CA ARG D 62 21.78 20.46 7.90
C ARG D 62 21.29 20.95 6.54
N ASN D 63 21.59 20.18 5.50
CA ASN D 63 21.33 20.63 4.14
C ASN D 63 19.88 20.48 3.75
N LEU D 64 19.33 19.27 3.98
CA LEU D 64 17.97 18.97 3.52
C LEU D 64 16.91 19.40 4.50
N GLY D 65 17.33 19.80 5.69
CA GLY D 65 16.41 20.30 6.75
C GLY D 65 15.44 19.25 7.26
N TRP D 66 15.83 18.00 7.15
CA TRP D 66 15.10 16.85 7.62
C TRP D 66 15.18 16.67 9.16
N CYS D 67 14.18 16.03 9.77
CA CYS D 67 14.15 15.86 11.21
C CYS D 67 15.25 14.94 11.76
N ASP D 68 15.85 14.14 10.90
CA ASP D 68 16.93 13.23 11.28
C ASP D 68 17.52 12.61 10.05
N VAL D 69 18.62 11.88 10.17
CA VAL D 69 19.12 11.09 9.06
C VAL D 69 17.93 10.26 8.53
N GLY D 70 17.81 10.11 7.21
CA GLY D 70 16.61 9.46 6.65
C GLY D 70 16.52 7.97 6.83
N TYR D 71 17.65 7.27 7.06
CA TYR D 71 17.64 5.81 7.12
C TYR D 71 17.32 5.35 8.55
N ASN D 72 16.70 4.19 8.65
CA ASN D 72 16.43 3.58 9.90
C ASN D 72 17.69 3.03 10.56
N PHE D 73 18.50 2.44 9.71
CA PHE D 73 19.78 1.90 10.10
C PHE D 73 20.79 2.07 8.98
N LEU D 74 22.06 2.12 9.33
CA LEU D 74 23.13 2.22 8.37
C LEU D 74 24.09 1.06 8.59
N ILE D 75 24.69 0.57 7.55
CA ILE D 75 25.59 -0.53 7.72
C ILE D 75 26.96 -0.04 7.42
N GLY D 76 27.89 -0.35 8.31
CA GLY D 76 29.25 0.11 8.12
C GLY D 76 30.05 -1.01 7.54
N GLU D 77 31.09 -0.72 6.76
CA GLU D 77 31.96 -1.80 6.37
C GLU D 77 32.85 -2.16 7.62
N ASP D 78 32.66 -1.48 8.72
CA ASP D 78 33.30 -1.81 10.01
C ASP D 78 32.57 -3.11 10.52
N GLY D 79 31.53 -3.55 9.84
CA GLY D 79 30.81 -4.71 10.30
C GLY D 79 29.82 -4.41 11.40
N LEU D 80 29.60 -3.15 11.65
CA LEU D 80 28.72 -2.72 12.63
C LEU D 80 27.48 -2.01 12.02
N VAL D 81 26.40 -2.01 12.76
CA VAL D 81 25.18 -1.37 12.38
C VAL D 81 25.04 -0.14 13.15
N TYR D 82 24.67 0.93 12.47
CA TYR D 82 24.52 2.22 13.07
C TYR D 82 23.06 2.55 13.20
N GLU D 83 22.65 2.91 14.39
CA GLU D 83 21.28 3.22 14.61
C GLU D 83 20.91 4.53 13.95
N GLY D 84 19.85 4.52 13.14
CA GLY D 84 19.34 5.72 12.50
C GLY D 84 18.05 6.06 13.19
N ARG D 85 16.94 6.20 12.41
CA ARG D 85 15.69 6.54 13.03
C ARG D 85 15.15 5.26 13.77
N GLY D 86 15.81 4.14 13.54
CA GLY D 86 15.46 2.90 14.22
C GLY D 86 14.24 2.15 13.73
N TRP D 87 13.81 1.18 14.54
CA TRP D 87 12.67 0.33 14.19
C TRP D 87 11.32 0.99 14.22
N ASN D 88 11.17 2.08 14.94
CA ASN D 88 9.84 2.63 15.25
C ASN D 88 9.45 3.91 14.58
N ILE D 89 10.41 4.63 14.00
CA ILE D 89 10.15 5.97 13.51
C ILE D 89 10.22 5.92 11.99
N LYS D 90 9.25 6.55 11.36
CA LYS D 90 9.23 6.58 9.93
C LYS D 90 10.46 7.28 9.36
N GLY D 91 11.08 6.60 8.41
CA GLY D 91 12.23 7.08 7.72
C GLY D 91 11.91 7.93 6.51
N ALA D 92 12.97 8.47 5.91
CA ALA D 92 12.86 9.23 4.68
C ALA D 92 13.95 8.74 3.75
N HIS D 93 13.70 7.53 3.20
CA HIS D 93 14.67 6.92 2.35
C HIS D 93 14.16 6.34 1.09
N ALA D 94 12.85 6.26 0.95
CA ALA D 94 12.30 5.64 -0.25
C ALA D 94 11.01 6.30 -0.74
N GLY D 95 10.81 7.56 -0.46
CA GLY D 95 9.57 8.20 -0.97
C GLY D 95 8.35 7.99 -0.12
N PRO D 96 7.30 8.76 -0.41
CA PRO D 96 6.09 8.83 0.38
C PRO D 96 5.26 7.57 0.41
N THR D 97 5.43 6.72 -0.59
CA THR D 97 4.71 5.48 -0.59
C THR D 97 5.33 4.41 0.33
N TRP D 98 6.63 4.28 0.21
CA TRP D 98 7.40 3.25 0.95
C TRP D 98 7.86 3.62 2.34
N ASN D 99 8.15 4.88 2.60
CA ASN D 99 8.59 5.33 3.92
C ASN D 99 7.70 4.88 5.09
N PRO D 100 6.36 5.13 5.00
CA PRO D 100 5.50 4.78 6.13
C PRO D 100 5.29 3.28 6.37
N ILE D 101 5.80 2.44 5.47
CA ILE D 101 5.55 1.00 5.54
C ILE D 101 6.82 0.14 5.47
N SER D 102 8.02 0.74 5.65
CA SER D 102 9.24 -0.02 5.58
C SER D 102 10.33 0.48 6.51
N ILE D 103 11.34 -0.34 6.60
CA ILE D 103 12.55 -0.06 7.31
C ILE D 103 13.63 0.12 6.24
N GLY D 104 14.25 1.27 6.25
CA GLY D 104 15.30 1.60 5.29
C GLY D 104 16.67 1.38 5.88
N ILE D 105 17.42 0.42 5.34
CA ILE D 105 18.77 0.18 5.73
C ILE D 105 19.68 0.58 4.59
N SER D 106 20.70 1.32 4.94
CA SER D 106 21.59 1.85 3.91
C SER D 106 23.02 1.39 4.20
N PHE D 107 23.63 0.83 3.22
CA PHE D 107 25.04 0.46 3.32
C PHE D 107 25.86 1.71 3.07
N MET D 108 26.79 2.01 3.92
CA MET D 108 27.57 3.23 3.77
C MET D 108 28.70 3.08 2.82
N GLY D 109 28.47 3.56 1.60
CA GLY D 109 29.46 3.45 0.57
C GLY D 109 28.74 3.55 -0.77
N ASN D 110 29.46 3.15 -1.82
CA ASN D 110 28.94 3.15 -3.12
C ASN D 110 29.26 1.86 -3.78
N TYR D 111 28.21 1.05 -4.04
CA TYR D 111 28.36 -0.34 -4.42
C TYR D 111 28.04 -0.60 -5.84
N MET D 112 28.33 0.41 -6.70
CA MET D 112 28.03 0.18 -8.14
C MET D 112 28.92 -0.91 -8.78
N ASN D 113 30.17 -0.87 -8.43
CA ASN D 113 31.15 -1.82 -8.91
C ASN D 113 32.00 -2.52 -7.86
N ARG D 114 31.72 -2.23 -6.59
CA ARG D 114 32.36 -2.80 -5.41
C ARG D 114 31.29 -3.51 -4.56
N VAL D 115 31.56 -4.72 -4.05
CA VAL D 115 30.62 -5.40 -3.14
C VAL D 115 30.94 -5.08 -1.67
N PRO D 116 29.90 -5.05 -0.77
CA PRO D 116 30.23 -4.77 0.64
C PRO D 116 30.98 -6.00 1.17
N PRO D 117 31.84 -5.81 2.17
CA PRO D 117 32.60 -6.98 2.70
C PRO D 117 31.63 -8.00 3.42
N PRO D 118 32.03 -9.27 3.58
CA PRO D 118 31.09 -10.17 4.30
C PRO D 118 30.67 -9.69 5.65
N ARG D 119 31.50 -8.92 6.38
CA ARG D 119 31.09 -8.52 7.73
C ARG D 119 29.96 -7.50 7.63
N ALA D 120 29.82 -6.86 6.46
CA ALA D 120 28.75 -5.91 6.28
C ALA D 120 27.48 -6.64 5.93
N LEU D 121 27.56 -7.62 5.07
CA LEU D 121 26.42 -8.42 4.64
C LEU D 121 25.88 -9.16 5.91
N ARG D 122 26.82 -9.62 6.75
CA ARG D 122 26.38 -10.32 8.01
C ARG D 122 25.73 -9.38 8.92
N ALA D 123 26.25 -8.18 9.02
CA ALA D 123 25.72 -7.18 9.88
C ALA D 123 24.24 -6.89 9.49
N ALA D 124 24.04 -6.64 8.20
CA ALA D 124 22.69 -6.38 7.74
C ALA D 124 21.75 -7.60 7.92
N GLN D 125 22.23 -8.79 7.63
CA GLN D 125 21.36 -9.97 7.74
C GLN D 125 21.00 -10.28 9.19
N ASN D 126 21.93 -10.07 10.10
CA ASN D 126 21.66 -10.20 11.52
C ASN D 126 20.66 -9.15 12.06
N LEU D 127 20.77 -7.91 11.57
CA LEU D 127 19.88 -6.86 12.00
C LEU D 127 18.47 -7.24 11.62
N LEU D 128 18.29 -7.71 10.41
CA LEU D 128 16.97 -8.08 9.98
C LEU D 128 16.43 -9.26 10.77
N ALA D 129 17.28 -10.24 11.03
CA ALA D 129 16.83 -11.40 11.86
C ALA D 129 16.43 -10.91 13.25
N CYS D 130 17.20 -9.96 13.73
CA CYS D 130 16.93 -9.33 15.02
C CYS D 130 15.59 -8.60 15.00
N GLY D 131 15.31 -7.93 13.86
CA GLY D 131 14.05 -7.19 13.73
C GLY D 131 12.88 -8.17 13.78
N VAL D 132 13.03 -9.31 13.14
CA VAL D 132 11.97 -10.35 13.19
C VAL D 132 11.82 -10.85 14.62
N ALA D 133 12.94 -11.15 15.26
CA ALA D 133 12.96 -11.68 16.65
C ALA D 133 12.23 -10.73 17.55
N LEU D 134 12.41 -9.44 17.32
CA LEU D 134 11.89 -8.40 18.14
C LEU D 134 10.43 -8.08 17.88
N GLY D 135 9.88 -8.62 16.80
CA GLY D 135 8.56 -8.23 16.38
C GLY D 135 8.52 -6.88 15.67
N ALA D 136 9.71 -6.33 15.37
CA ALA D 136 9.73 -5.09 14.61
C ALA D 136 9.44 -5.30 13.15
N LEU D 137 9.82 -6.46 12.63
CA LEU D 137 9.56 -6.86 11.24
C LEU D 137 8.65 -8.08 11.24
N ARG D 138 7.83 -8.23 10.18
CA ARG D 138 7.04 -9.47 10.06
C ARG D 138 7.95 -10.63 9.71
N SER D 139 7.64 -11.83 10.15
CA SER D 139 8.46 -13.01 9.81
C SER D 139 8.58 -13.24 8.36
N ASN D 140 7.59 -12.79 7.60
CA ASN D 140 7.61 -12.89 6.13
C ASN D 140 7.80 -11.52 5.47
N TYR D 141 8.62 -10.68 6.10
CA TYR D 141 8.97 -9.39 5.51
C TYR D 141 9.59 -9.51 4.16
N GLU D 142 9.49 -8.47 3.37
CA GLU D 142 10.05 -8.47 2.07
C GLU D 142 11.09 -7.40 1.96
N VAL D 143 12.18 -7.77 1.33
CA VAL D 143 13.26 -6.89 1.08
C VAL D 143 13.16 -6.41 -0.36
N LYS D 144 13.33 -5.12 -0.58
CA LYS D 144 13.32 -4.53 -1.91
C LYS D 144 14.59 -3.74 -2.03
N GLY D 145 15.12 -3.65 -3.23
CA GLY D 145 16.23 -2.82 -3.53
C GLY D 145 15.75 -1.37 -3.64
N HIS D 146 16.55 -0.39 -3.37
CA HIS D 146 16.06 0.97 -3.45
C HIS D 146 15.52 1.25 -4.86
N ARG D 147 16.24 0.77 -5.84
CA ARG D 147 15.94 0.99 -7.22
C ARG D 147 14.65 0.30 -7.66
N ASP D 148 14.16 -0.62 -6.84
CA ASP D 148 12.88 -1.30 -7.12
C ASP D 148 11.72 -0.44 -6.82
N VAL D 149 11.91 0.57 -6.01
CA VAL D 149 10.80 1.38 -5.55
C VAL D 149 10.96 2.85 -5.84
N GLN D 150 12.16 3.28 -6.20
CA GLN D 150 12.47 4.66 -6.55
C GLN D 150 13.41 4.66 -7.75
N PRO D 151 13.47 5.77 -8.48
CA PRO D 151 14.38 5.82 -9.62
C PRO D 151 15.76 6.21 -9.10
N THR D 152 16.64 5.24 -9.05
CA THR D 152 17.94 5.46 -8.51
C THR D 152 18.82 4.30 -8.84
N LEU D 153 20.12 4.47 -8.83
CA LEU D 153 21.07 3.35 -9.02
C LEU D 153 21.26 2.64 -7.65
N SER D 154 20.88 3.33 -6.58
CA SER D 154 20.90 2.70 -5.20
C SER D 154 20.22 1.39 -5.28
N PRO D 155 20.76 0.33 -4.64
CA PRO D 155 21.86 0.31 -3.72
C PRO D 155 23.14 -0.05 -4.42
N GLY D 156 23.23 0.15 -5.71
CA GLY D 156 24.47 -0.18 -6.40
C GLY D 156 24.33 -1.48 -7.07
N ASP D 157 24.84 -1.61 -8.28
CA ASP D 157 24.64 -2.83 -9.01
C ASP D 157 25.12 -4.05 -8.26
N ARG D 158 26.30 -3.98 -7.69
CA ARG D 158 26.90 -5.09 -6.95
C ARG D 158 26.14 -5.53 -5.74
N LEU D 159 25.72 -4.57 -4.94
CA LEU D 159 24.88 -4.88 -3.76
C LEU D 159 23.48 -5.35 -4.19
N TYR D 160 22.92 -4.74 -5.25
CA TYR D 160 21.61 -5.15 -5.71
C TYR D 160 21.60 -6.63 -6.13
N GLU D 161 22.61 -7.05 -6.84
CA GLU D 161 22.76 -8.43 -7.29
C GLU D 161 22.76 -9.40 -6.10
N ILE D 162 23.39 -8.99 -5.03
CA ILE D 162 23.41 -9.81 -3.76
C ILE D 162 22.08 -9.91 -3.04
N ILE D 163 21.40 -8.76 -2.85
CA ILE D 163 20.09 -8.85 -2.15
C ILE D 163 19.06 -9.63 -2.89
N GLN D 164 19.24 -9.73 -4.21
CA GLN D 164 18.28 -10.48 -5.01
C GLN D 164 18.29 -11.96 -4.70
N THR D 165 19.38 -12.44 -4.08
CA THR D 165 19.48 -13.86 -3.74
C THR D 165 18.96 -14.11 -2.30
N TRP D 166 18.72 -13.01 -1.60
CA TRP D 166 18.24 -13.16 -0.19
C TRP D 166 16.91 -13.82 -0.09
N SER D 167 16.72 -14.55 1.02
CA SER D 167 15.53 -15.32 1.30
C SER D 167 14.27 -14.49 1.25
N HIS D 168 14.34 -13.27 1.80
CA HIS D 168 13.18 -12.36 1.83
C HIS D 168 13.03 -11.39 0.68
N TYR D 169 13.92 -11.48 -0.29
CA TYR D 169 13.83 -10.55 -1.43
C TYR D 169 12.56 -10.84 -2.27
N ARG D 170 11.88 -9.78 -2.68
CA ARG D 170 10.71 -9.86 -3.56
C ARG D 170 10.66 -8.55 -4.30
N ALA D 171 10.84 -8.58 -5.62
CA ALA D 171 10.92 -7.34 -6.46
C ALA D 171 9.53 -6.68 -6.60
C1 GLC E . 10.52 11.97 -0.07
C2 GLC E . 11.31 13.28 0.10
C3 GLC E . 11.40 13.96 1.43
C4 GLC E . 10.31 13.48 2.35
C5 GLC E . 10.21 11.96 2.34
C6 GLC E . 9.15 11.51 3.36
O1 GLC E . 11.32 11.04 -0.80
O2 GLC E . 12.62 13.19 -0.42
O3 GLC E . 11.33 15.36 1.19
O4 GLC E . 10.52 13.99 3.66
O5 GLC E . 9.83 11.44 1.07
O6 GLC E . 8.14 10.72 2.69
C1 GLC E . 9.67 15.14 3.64
C2 GLC E . 10.20 16.35 4.38
C3 GLC E . 9.94 16.33 5.86
C4 GLC E . 8.46 16.05 6.11
C5 GLC E . 8.05 14.77 5.40
C6 GLC E . 6.57 14.50 5.39
O2 GLC E . 11.56 16.45 4.13
O3 GLC E . 10.41 17.60 6.30
O4 GLC E . 8.17 15.87 7.50
O5 GLC E . 8.32 14.90 4.02
O6 GLC E . 6.04 14.80 4.09
O1 SRT F . 22.66 6.57 -4.91
O11 SRT F . 23.66 5.84 -6.64
C1 SRT F . 22.97 6.68 -6.08
C2 SRT F . 22.39 7.91 -6.77
O2 SRT F . 22.78 9.11 -6.17
C3 SRT F . 22.44 7.78 -8.25
O3 SRT F . 21.28 7.06 -8.50
C4 SRT F . 22.38 9.07 -9.03
O4 SRT F . 21.32 9.43 -9.48
O41 SRT F . 23.41 9.72 -9.17
C1 NAG G . 4.72 10.08 -6.97
C2 NAG G . 5.34 10.61 -5.71
C3 NAG G . 6.75 10.01 -5.64
C4 NAG G . 6.31 8.58 -5.30
C5 NAG G . 5.79 7.95 -6.57
C6 NAG G . 4.92 6.71 -6.34
C7 NAG G . 5.07 12.98 -4.70
C8 NAG G . 4.40 14.31 -4.95
N2 NAG G . 4.94 12.00 -5.60
O1 NAG G . 3.34 9.98 -6.84
O3 NAG G . 7.64 10.46 -4.66
O4 NAG G . 7.34 7.78 -4.83
O5 NAG G . 5.25 8.85 -7.43
O6 NAG G . 3.57 6.96 -6.43
O7 NAG G . 5.70 12.84 -3.72
C1 GOL H . 22.05 7.61 -2.40
O1 GOL H . 22.13 8.54 -3.44
C2 GOL H . 20.63 7.73 -1.92
O2 GOL H . 19.73 7.85 -2.96
C3 GOL H . 20.28 6.64 -0.92
O3 GOL H . 19.37 7.26 -0.13
#